data_432D
# 
_entry.id   432D 
# 
_audit_conform.dict_name       mmcif_pdbx.dic 
_audit_conform.dict_version    5.389 
_audit_conform.dict_location   http://mmcif.pdb.org/dictionaries/ascii/mmcif_pdbx.dic 
# 
loop_
_database_2.database_id 
_database_2.database_code 
_database_2.pdbx_database_accession 
_database_2.pdbx_DOI 
PDB   432D         pdb_0000432d 10.2210/pdb432d/pdb 
NDB   DD0002       ?            ?                   
RCSB  RCSB001334   ?            ?                   
WWPDB D_1000001334 ?            ?                   
# 
loop_
_pdbx_audit_revision_history.ordinal 
_pdbx_audit_revision_history.data_content_type 
_pdbx_audit_revision_history.major_revision 
_pdbx_audit_revision_history.minor_revision 
_pdbx_audit_revision_history.revision_date 
1 'Structure model' 1 0 1999-12-18 
2 'Structure model' 1 1 2008-04-26 
3 'Structure model' 1 2 2011-07-13 
4 'Structure model' 1 3 2017-10-04 
5 'Structure model' 1 4 2023-12-27 
6 'Structure model' 1 5 2024-04-03 
# 
_pdbx_audit_revision_details.ordinal             1 
_pdbx_audit_revision_details.revision_ordinal    1 
_pdbx_audit_revision_details.data_content_type   'Structure model' 
_pdbx_audit_revision_details.provider            repository 
_pdbx_audit_revision_details.type                'Initial release' 
_pdbx_audit_revision_details.description         ? 
_pdbx_audit_revision_details.details             ? 
# 
loop_
_pdbx_audit_revision_group.ordinal 
_pdbx_audit_revision_group.revision_ordinal 
_pdbx_audit_revision_group.data_content_type 
_pdbx_audit_revision_group.group 
1 2 'Structure model' 'Version format compliance' 
2 3 'Structure model' 'Version format compliance' 
3 4 'Structure model' 'Refinement description'    
4 5 'Structure model' 'Data collection'           
5 5 'Structure model' 'Database references'       
6 5 'Structure model' 'Derived calculations'      
7 6 'Structure model' 'Refinement description'    
# 
loop_
_pdbx_audit_revision_category.ordinal 
_pdbx_audit_revision_category.revision_ordinal 
_pdbx_audit_revision_category.data_content_type 
_pdbx_audit_revision_category.category 
1 4 'Structure model' software                      
2 5 'Structure model' chem_comp_atom                
3 5 'Structure model' chem_comp_bond                
4 5 'Structure model' database_2                    
5 5 'Structure model' struct_site                   
6 6 'Structure model' pdbx_initial_refinement_model 
# 
loop_
_pdbx_audit_revision_item.ordinal 
_pdbx_audit_revision_item.revision_ordinal 
_pdbx_audit_revision_item.data_content_type 
_pdbx_audit_revision_item.item 
1 4 'Structure model' '_software.name'                      
2 5 'Structure model' '_database_2.pdbx_DOI'                
3 5 'Structure model' '_database_2.pdbx_database_accession' 
4 5 'Structure model' '_struct_site.pdbx_auth_asym_id'      
5 5 'Structure model' '_struct_site.pdbx_auth_comp_id'      
6 5 'Structure model' '_struct_site.pdbx_auth_seq_id'       
# 
_pdbx_database_status.status_code                     REL 
_pdbx_database_status.entry_id                        432D 
_pdbx_database_status.recvd_initial_deposition_date   1998-10-14 
_pdbx_database_status.deposit_site                    NDB 
_pdbx_database_status.process_site                    NDB 
_pdbx_database_status.status_code_sf                  REL 
_pdbx_database_status.SG_entry                        . 
_pdbx_database_status.pdb_format_compatible           Y 
_pdbx_database_status.status_code_mr                  ? 
_pdbx_database_status.status_code_cs                  ? 
_pdbx_database_status.methods_development_category    ? 
_pdbx_database_status.status_code_nmr_data            ? 
# 
loop_
_audit_author.name 
_audit_author.pdbx_ordinal 
'Vlieghe, D.'      1 
'Van Meervelt, L.' 2 
# 
_citation.id                        primary 
_citation.title                     'Crystal structure of d(GGCCAATTGG) complexed with DAPI reveals novel binding mode.' 
_citation.journal_abbrev            Biochemistry 
_citation.journal_volume            38 
_citation.page_first                16443 
_citation.page_last                 16451 
_citation.year                      1999 
_citation.journal_id_ASTM           BICHAW 
_citation.country                   US 
_citation.journal_id_ISSN           0006-2960 
_citation.journal_id_CSD            0033 
_citation.book_publisher            ? 
_citation.pdbx_database_id_PubMed   10600105 
_citation.pdbx_database_id_DOI      10.1021/bi9907882 
# 
loop_
_citation_author.citation_id 
_citation_author.name 
_citation_author.ordinal 
_citation_author.identifier_ORCID 
primary 'Vlieghe, D.'      1 ? 
primary 'Sponer, J.'       2 ? 
primary 'Van Meervelt, L.' 3 ? 
# 
loop_
_entity.id 
_entity.type 
_entity.src_method 
_entity.pdbx_description 
_entity.formula_weight 
_entity.pdbx_number_of_molecules 
_entity.pdbx_ec 
_entity.pdbx_mutation 
_entity.pdbx_fragment 
_entity.details 
1 polymer     syn 
;DNA (5'-D(*GP*GP*CP*CP*AP*AP*TP*TP*GP*G)-3')
;
3085.029 2  ? ? ? ? 
2 non-polymer syn '6-AMIDINE-2-(4-AMIDINO-PHENYL)INDOLE'         277.324  1  ? ? ? ? 
3 water       nat water                                          18.015   81 ? ? ? ? 
# 
_entity_poly.entity_id                      1 
_entity_poly.type                           polydeoxyribonucleotide 
_entity_poly.nstd_linkage                   no 
_entity_poly.nstd_monomer                   no 
_entity_poly.pdbx_seq_one_letter_code       '(DG)(DG)(DC)(DC)(DA)(DA)(DT)(DT)(DG)(DG)' 
_entity_poly.pdbx_seq_one_letter_code_can   GGCCAATTGG 
_entity_poly.pdbx_strand_id                 A,B 
_entity_poly.pdbx_target_identifier         ? 
# 
loop_
_pdbx_entity_nonpoly.entity_id 
_pdbx_entity_nonpoly.name 
_pdbx_entity_nonpoly.comp_id 
2 '6-AMIDINE-2-(4-AMIDINO-PHENYL)INDOLE' DAP 
3 water                                  HOH 
# 
loop_
_entity_poly_seq.entity_id 
_entity_poly_seq.num 
_entity_poly_seq.mon_id 
_entity_poly_seq.hetero 
1 1  DG n 
1 2  DG n 
1 3  DC n 
1 4  DC n 
1 5  DA n 
1 6  DA n 
1 7  DT n 
1 8  DT n 
1 9  DG n 
1 10 DG n 
# 
loop_
_chem_comp.id 
_chem_comp.type 
_chem_comp.mon_nstd_flag 
_chem_comp.name 
_chem_comp.pdbx_synonyms 
_chem_comp.formula 
_chem_comp.formula_weight 
DA  'DNA linking' y "2'-DEOXYADENOSINE-5'-MONOPHOSPHATE"   ? 'C10 H14 N5 O6 P' 331.222 
DAP non-polymer   . '6-AMIDINE-2-(4-AMIDINO-PHENYL)INDOLE' ? 'C16 H15 N5'      277.324 
DC  'DNA linking' y "2'-DEOXYCYTIDINE-5'-MONOPHOSPHATE"    ? 'C9 H14 N3 O7 P'  307.197 
DG  'DNA linking' y "2'-DEOXYGUANOSINE-5'-MONOPHOSPHATE"   ? 'C10 H14 N5 O7 P' 347.221 
DT  'DNA linking' y "THYMIDINE-5'-MONOPHOSPHATE"           ? 'C10 H15 N2 O8 P' 322.208 
HOH non-polymer   . WATER                                  ? 'H2 O'            18.015  
# 
loop_
_pdbx_poly_seq_scheme.asym_id 
_pdbx_poly_seq_scheme.entity_id 
_pdbx_poly_seq_scheme.seq_id 
_pdbx_poly_seq_scheme.mon_id 
_pdbx_poly_seq_scheme.ndb_seq_num 
_pdbx_poly_seq_scheme.pdb_seq_num 
_pdbx_poly_seq_scheme.auth_seq_num 
_pdbx_poly_seq_scheme.pdb_mon_id 
_pdbx_poly_seq_scheme.auth_mon_id 
_pdbx_poly_seq_scheme.pdb_strand_id 
_pdbx_poly_seq_scheme.pdb_ins_code 
_pdbx_poly_seq_scheme.hetero 
A 1 1  DG 1  1  1  DG G A . n 
A 1 2  DG 2  2  2  DG G A . n 
A 1 3  DC 3  3  3  DC C A . n 
A 1 4  DC 4  4  4  DC C A . n 
A 1 5  DA 5  5  5  DA A A . n 
A 1 6  DA 6  6  6  DA A A . n 
A 1 7  DT 7  7  7  DT T A . n 
A 1 8  DT 8  8  8  DT T A . n 
A 1 9  DG 9  9  9  DG G A . n 
A 1 10 DG 10 10 10 DG G A . n 
B 1 1  DG 1  11 11 DG G B . n 
B 1 2  DG 2  12 12 DG G B . n 
B 1 3  DC 3  13 13 DC C B . n 
B 1 4  DC 4  14 14 DC C B . n 
B 1 5  DA 5  15 15 DA A B . n 
B 1 6  DA 6  16 16 DA A B . n 
B 1 7  DT 7  17 17 DT T B . n 
B 1 8  DT 8  18 18 DT T B . n 
B 1 9  DG 9  19 19 DG G B . n 
B 1 10 DG 10 20 20 DG G B . n 
# 
loop_
_pdbx_nonpoly_scheme.asym_id 
_pdbx_nonpoly_scheme.entity_id 
_pdbx_nonpoly_scheme.mon_id 
_pdbx_nonpoly_scheme.ndb_seq_num 
_pdbx_nonpoly_scheme.pdb_seq_num 
_pdbx_nonpoly_scheme.auth_seq_num 
_pdbx_nonpoly_scheme.pdb_mon_id 
_pdbx_nonpoly_scheme.auth_mon_id 
_pdbx_nonpoly_scheme.pdb_strand_id 
_pdbx_nonpoly_scheme.pdb_ins_code 
C 2 DAP 1  21  21  DAP DAP A . 
D 3 HOH 1  22  22  HOH HOH A . 
D 3 HOH 2  23  23  HOH HOH A . 
D 3 HOH 3  24  24  HOH HOH A . 
D 3 HOH 4  31  31  HOH HOH A . 
D 3 HOH 5  34  34  HOH HOH A . 
D 3 HOH 6  35  35  HOH HOH A . 
D 3 HOH 7  36  36  HOH HOH A . 
D 3 HOH 8  37  37  HOH HOH A . 
D 3 HOH 9  41  41  HOH HOH A . 
D 3 HOH 10 44  44  HOH HOH A . 
D 3 HOH 11 45  45  HOH HOH A . 
D 3 HOH 12 50  50  HOH HOH A . 
D 3 HOH 13 51  51  HOH HOH A . 
D 3 HOH 14 52  52  HOH HOH A . 
D 3 HOH 15 53  53  HOH HOH A . 
D 3 HOH 16 54  54  HOH HOH A . 
D 3 HOH 17 56  56  HOH HOH A . 
D 3 HOH 18 60  60  HOH HOH A . 
D 3 HOH 19 62  62  HOH HOH A . 
D 3 HOH 20 65  65  HOH HOH A . 
D 3 HOH 21 66  66  HOH HOH A . 
D 3 HOH 22 67  67  HOH HOH A . 
D 3 HOH 23 68  68  HOH HOH A . 
D 3 HOH 24 71  71  HOH HOH A . 
D 3 HOH 25 73  73  HOH HOH A . 
D 3 HOH 26 76  76  HOH HOH A . 
D 3 HOH 27 82  82  HOH HOH A . 
D 3 HOH 28 89  89  HOH HOH A . 
D 3 HOH 29 91  91  HOH HOH A . 
D 3 HOH 30 93  93  HOH HOH A . 
D 3 HOH 31 94  94  HOH HOH A . 
D 3 HOH 32 98  98  HOH HOH A . 
D 3 HOH 33 100 100 HOH HOH A . 
E 3 HOH 1  25  25  HOH HOH B . 
E 3 HOH 2  26  26  HOH HOH B . 
E 3 HOH 3  27  27  HOH HOH B . 
E 3 HOH 4  28  28  HOH HOH B . 
E 3 HOH 5  29  29  HOH HOH B . 
E 3 HOH 6  30  30  HOH HOH B . 
E 3 HOH 7  32  32  HOH HOH B . 
E 3 HOH 8  33  33  HOH HOH B . 
E 3 HOH 9  38  38  HOH HOH B . 
E 3 HOH 10 39  39  HOH HOH B . 
E 3 HOH 11 40  40  HOH HOH B . 
E 3 HOH 12 42  42  HOH HOH B . 
E 3 HOH 13 43  43  HOH HOH B . 
E 3 HOH 14 46  46  HOH HOH B . 
E 3 HOH 15 47  47  HOH HOH B . 
E 3 HOH 16 48  48  HOH HOH B . 
E 3 HOH 17 49  49  HOH HOH B . 
E 3 HOH 18 55  55  HOH HOH B . 
E 3 HOH 19 57  57  HOH HOH B . 
E 3 HOH 20 58  58  HOH HOH B . 
E 3 HOH 21 59  59  HOH HOH B . 
E 3 HOH 22 61  61  HOH HOH B . 
E 3 HOH 23 63  63  HOH HOH B . 
E 3 HOH 24 64  64  HOH HOH B . 
E 3 HOH 25 69  69  HOH HOH B . 
E 3 HOH 26 70  70  HOH HOH B . 
E 3 HOH 27 72  72  HOH HOH B . 
E 3 HOH 28 74  74  HOH HOH B . 
E 3 HOH 29 75  75  HOH HOH B . 
E 3 HOH 30 77  77  HOH HOH B . 
E 3 HOH 31 78  78  HOH HOH B . 
E 3 HOH 32 79  79  HOH HOH B . 
E 3 HOH 33 80  80  HOH HOH B . 
E 3 HOH 34 81  81  HOH HOH B . 
E 3 HOH 35 83  83  HOH HOH B . 
E 3 HOH 36 84  84  HOH HOH B . 
E 3 HOH 37 85  85  HOH HOH B . 
E 3 HOH 38 86  86  HOH HOH B . 
E 3 HOH 39 87  87  HOH HOH B . 
E 3 HOH 40 88  88  HOH HOH B . 
E 3 HOH 41 90  90  HOH HOH B . 
E 3 HOH 42 92  92  HOH HOH B . 
E 3 HOH 43 95  95  HOH HOH B . 
E 3 HOH 44 96  96  HOH HOH B . 
E 3 HOH 45 97  97  HOH HOH B . 
E 3 HOH 46 99  99  HOH HOH B . 
E 3 HOH 47 101 101 HOH HOH B . 
E 3 HOH 48 102 102 HOH HOH B . 
# 
loop_
_software.name 
_software.classification 
_software.version 
_software.citation_id 
_software.pdbx_ordinal 
SHELXL    refinement       . ? 1 
DENZO     'data reduction' . ? 2 
SCALEPACK 'data scaling'   . ? 3 
# 
_cell.entry_id           432D 
_cell.length_a           25.616 
_cell.length_b           36.563 
_cell.length_c           52.961 
_cell.angle_alpha        90.00 
_cell.angle_beta         90.00 
_cell.angle_gamma        90.00 
_cell.Z_PDB              8 
_cell.pdbx_unique_axis   ? 
# 
_symmetry.entry_id                         432D 
_symmetry.space_group_name_H-M             'P 21 21 21' 
_symmetry.pdbx_full_space_group_name_H-M   ? 
_symmetry.cell_setting                     orthorhombic 
_symmetry.Int_Tables_number                19 
# 
_exptl.entry_id          432D 
_exptl.method            'X-RAY DIFFRACTION' 
_exptl.crystals_number   1 
# 
_exptl_crystal.id                    1 
_exptl_crystal.density_meas          ? 
_exptl_crystal.density_percent_sol   36.26 
_exptl_crystal.density_Matthews      1.93 
_exptl_crystal.description           ? 
# 
_exptl_crystal_grow.crystal_id      1 
_exptl_crystal_grow.method          'VAPOR DIFFUSION, SITTING DROP' 
_exptl_crystal_grow.temp            289.0 
_exptl_crystal_grow.temp_details    ? 
_exptl_crystal_grow.pH              6.9 
_exptl_crystal_grow.pdbx_details    'pH 6.9, VAPOR DIFFUSION, SITTING DROP, temperature 289.0K' 
_exptl_crystal_grow.pdbx_pH_range   ? 
# 
loop_
_exptl_crystal_grow_comp.crystal_id 
_exptl_crystal_grow_comp.id 
_exptl_crystal_grow_comp.sol_id 
_exptl_crystal_grow_comp.name 
_exptl_crystal_grow_comp.volume 
_exptl_crystal_grow_comp.conc 
_exptl_crystal_grow_comp.details 
1 1 1 'SODIUM CACODYLATE' ? ? ? 
1 2 1 MGCL2               ? ? ? 
1 3 1 SPERMINE            ? ? ? 
1 4 1 MPD                 ? ? ? 
1 5 2 MPD                 ? ? ? 
# 
_diffrn.id                     1 
_diffrn.ambient_temp           120 
_diffrn.ambient_temp_details   ? 
_diffrn.crystal_id             1 
# 
_diffrn_detector.diffrn_id              1 
_diffrn_detector.detector               'IMAGE PLATE' 
_diffrn_detector.type                   MARRESEARCH 
_diffrn_detector.pdbx_collection_date   1997-06-15 
_diffrn_detector.details                ? 
# 
_diffrn_radiation.diffrn_id                        1 
_diffrn_radiation.wavelength_id                    1 
_diffrn_radiation.pdbx_monochromatic_or_laue_m_l   M 
_diffrn_radiation.monochromator                    ? 
_diffrn_radiation.pdbx_diffrn_protocol             'SINGLE WAVELENGTH' 
_diffrn_radiation.pdbx_scattering_type             x-ray 
# 
_diffrn_radiation_wavelength.id           1 
_diffrn_radiation_wavelength.wavelength   . 
_diffrn_radiation_wavelength.wt           1.0 
# 
_diffrn_source.diffrn_id                   1 
_diffrn_source.source                      SYNCHROTRON 
_diffrn_source.type                        'ELETTRA BEAMLINE 5.2R' 
_diffrn_source.pdbx_synchrotron_site       ELETTRA 
_diffrn_source.pdbx_synchrotron_beamline   5.2R 
_diffrn_source.pdbx_wavelength             ? 
_diffrn_source.pdbx_wavelength_list        ? 
# 
_reflns.entry_id                     432D 
_reflns.observed_criterion_sigma_I   0.0 
_reflns.observed_criterion_sigma_F   0.0 
_reflns.d_resolution_low             10.00 
_reflns.d_resolution_high            1.89 
_reflns.number_obs                   4106 
_reflns.number_all                   4106 
_reflns.percent_possible_obs         97.1 
_reflns.pdbx_Rmerge_I_obs            0.0730000 
_reflns.pdbx_Rsym_value              ? 
_reflns.pdbx_netI_over_sigmaI        13.78 
_reflns.B_iso_Wilson_estimate        ? 
_reflns.pdbx_redundancy              5.9 
_reflns.R_free_details               ? 
_reflns.pdbx_diffrn_id               1 
_reflns.pdbx_ordinal                 1 
# 
_reflns_shell.d_res_high             1.89 
_reflns_shell.d_res_low              1.93 
_reflns_shell.percent_possible_all   95.1 
_reflns_shell.Rmerge_I_obs           0.2910000 
_reflns_shell.pdbx_Rsym_value        ? 
_reflns_shell.meanI_over_sigI_obs    5.55 
_reflns_shell.pdbx_redundancy        4.0 
_reflns_shell.percent_possible_obs   ? 
_reflns_shell.number_unique_all      ? 
_reflns_shell.pdbx_diffrn_id         ? 
_reflns_shell.pdbx_ordinal           1 
# 
_refine.entry_id                                 432D 
_refine.ls_number_reflns_obs                     3562 
_refine.ls_number_reflns_all                     4106 
_refine.pdbx_ls_sigma_I                          ? 
_refine.pdbx_ls_sigma_F                          ? 
_refine.pdbx_data_cutoff_high_absF               ? 
_refine.pdbx_data_cutoff_low_absF                ? 
_refine.pdbx_data_cutoff_high_rms_absF           ? 
_refine.ls_d_res_low                             10.00 
_refine.ls_d_res_high                            1.89 
_refine.ls_percent_reflns_obs                    97.1 
_refine.ls_R_factor_obs                          ? 
_refine.ls_R_factor_all                          0.1920000 
_refine.ls_R_factor_R_work                       ? 
_refine.ls_R_factor_R_free                       ? 
_refine.ls_R_factor_R_free_error                 ? 
_refine.ls_R_factor_R_free_error_details         ? 
_refine.ls_percent_reflns_R_free                 ? 
_refine.ls_number_reflns_R_free                  ? 
_refine.ls_number_parameters                     2051 
_refine.ls_number_restraints                     2080 
_refine.occupancy_min                            ? 
_refine.occupancy_max                            ? 
_refine.B_iso_mean                               ? 
_refine.aniso_B[1][1]                            ? 
_refine.aniso_B[2][2]                            ? 
_refine.aniso_B[3][3]                            ? 
_refine.aniso_B[1][2]                            ? 
_refine.aniso_B[1][3]                            ? 
_refine.aniso_B[2][3]                            ? 
_refine.solvent_model_details                    ? 
_refine.solvent_model_param_ksol                 ? 
_refine.solvent_model_param_bsol                 ? 
_refine.pdbx_ls_cross_valid_method               NONE 
_refine.details                                  ? 
_refine.pdbx_starting_model                      'BD0006 USED AS STARTING MODEL FOR REFINEMENT' 
_refine.pdbx_method_to_determine_struct          ? 
_refine.pdbx_isotropic_thermal_model             ? 
_refine.pdbx_stereochemistry_target_values       'TAYLOR AND KENNARD' 
_refine.pdbx_stereochem_target_val_spec_case     'DAPI DICTIONARY BASED ON CSD' 
_refine.pdbx_R_Free_selection_details            ? 
_refine.pdbx_overall_ESU_R                       ? 
_refine.pdbx_overall_ESU_R_Free                  ? 
_refine.overall_SU_ML                            ? 
_refine.overall_SU_B                             ? 
_refine.ls_redundancy_reflns_obs                 ? 
_refine.correlation_coeff_Fo_to_Fc               ? 
_refine.correlation_coeff_Fo_to_Fc_free          ? 
_refine.overall_SU_R_Cruickshank_DPI             ? 
_refine.overall_SU_R_free                        ? 
_refine.pdbx_refine_id                           'X-RAY DIFFRACTION' 
_refine.pdbx_diffrn_id                           1 
_refine.pdbx_TLS_residual_ADP_flag               ? 
_refine.pdbx_solvent_vdw_probe_radii             ? 
_refine.pdbx_solvent_ion_probe_radii             ? 
_refine.pdbx_solvent_shrinkage_radii             ? 
_refine.pdbx_overall_phase_error                 ? 
_refine.pdbx_overall_SU_R_free_Cruickshank_DPI   ? 
_refine.pdbx_overall_SU_R_Blow_DPI               ? 
_refine.pdbx_overall_SU_R_free_Blow_DPI          ? 
# 
_refine_analyze.entry_id                        432D 
_refine_analyze.Luzzati_coordinate_error_obs    ? 
_refine_analyze.Luzzati_sigma_a_obs             ? 
_refine_analyze.Luzzati_d_res_low_obs           ? 
_refine_analyze.Luzzati_coordinate_error_free   ? 
_refine_analyze.Luzzati_sigma_a_free            ? 
_refine_analyze.Luzzati_d_res_low_free          ? 
_refine_analyze.number_disordered_residues      ? 
_refine_analyze.occupancy_sum_hydrogen          0. 
_refine_analyze.occupancy_sum_non_hydrogen      512. 
_refine_analyze.pdbx_refine_id                  'X-RAY DIFFRACTION' 
# 
_refine_hist.pdbx_refine_id                   'X-RAY DIFFRACTION' 
_refine_hist.cycle_id                         LAST 
_refine_hist.pdbx_number_atoms_protein        0 
_refine_hist.pdbx_number_atoms_nucleic_acid   410 
_refine_hist.pdbx_number_atoms_ligand         21 
_refine_hist.number_atoms_solvent             81 
_refine_hist.number_atoms_total               512 
_refine_hist.d_res_high                       1.89 
_refine_hist.d_res_low                        10.00 
# 
loop_
_refine_ls_restr.type 
_refine_ls_restr.dev_ideal 
_refine_ls_restr.dev_ideal_target 
_refine_ls_restr.weight 
_refine_ls_restr.number 
_refine_ls_restr.pdbx_refine_id 
_refine_ls_restr.pdbx_restraint_function 
s_bond_d               0.013 ? ? ? 'X-RAY DIFFRACTION' ? 
s_angle_d              0.029 ? ? ? 'X-RAY DIFFRACTION' ? 
s_similar_dist         0.023 ? ? ? 'X-RAY DIFFRACTION' ? 
s_from_restr_planes    0.091 ? ? ? 'X-RAY DIFFRACTION' ? 
s_zero_chiral_vol      0.00  ? ? ? 'X-RAY DIFFRACTION' ? 
s_non_zero_chiral_vol  0.082 ? ? ? 'X-RAY DIFFRACTION' ? 
s_anti_bump_dis_restr  0.002 ? ? ? 'X-RAY DIFFRACTION' ? 
s_rigid_bond_adp_cmpnt 0.00  ? ? ? 'X-RAY DIFFRACTION' ? 
s_similar_adp_cmpnt    0.038 ? ? ? 'X-RAY DIFFRACTION' ? 
s_approx_iso_adps      0.00  ? ? ? 'X-RAY DIFFRACTION' ? 
# 
_pdbx_refine.entry_id                                    432D 
_pdbx_refine.R_factor_all_no_cutoff                      0.1920000 
_pdbx_refine.R_factor_obs_no_cutoff                      ? 
_pdbx_refine.free_R_factor_no_cutoff                     ? 
_pdbx_refine.free_R_val_test_set_size_perc_no_cutoff     ? 
_pdbx_refine.free_R_val_test_set_ct_no_cutoff            ? 
_pdbx_refine.R_factor_all_4sig_cutoff                    0.1800000 
_pdbx_refine.R_factor_obs_4sig_cutoff                    ? 
_pdbx_refine.free_R_factor_4sig_cutoff                   ? 
_pdbx_refine.free_R_val_test_set_size_perc_4sig_cutoff   ? 
_pdbx_refine.free_R_val_test_set_ct_4sig_cutoff          ? 
_pdbx_refine.number_reflns_obs_4sig_cutoff               3562 
_pdbx_refine.number_reflns_obs_no_cutoff                 ? 
_pdbx_refine.pdbx_refine_id                              'X-RAY DIFFRACTION' 
_pdbx_refine.free_R_error_no_cutoff                      ? 
# 
_struct.entry_id                  432D 
_struct.title                     'D(GGCCAATTGG) COMPLEXED WITH DAPI' 
_struct.pdbx_model_details        ? 
_struct.pdbx_CASP_flag            ? 
_struct.pdbx_model_type_details   ? 
# 
_struct_keywords.entry_id        432D 
_struct_keywords.pdbx_keywords   DNA 
_struct_keywords.text            
;DEOXYRIBONUCLEIC ACID, DNA-DRUG COMPLEX, TRIPLET FORMATION, 4', 6-DIAMIDINO-2-PHENYL INDOLE, DAPI, MINOR GROOVE BINDER, DNA
;
# 
loop_
_struct_asym.id 
_struct_asym.pdbx_blank_PDB_chainid_flag 
_struct_asym.pdbx_modified 
_struct_asym.entity_id 
_struct_asym.details 
A N N 1 ? 
B N N 1 ? 
C N N 2 ? 
D N N 3 ? 
E N N 3 ? 
# 
_struct_ref.id                         1 
_struct_ref.entity_id                  1 
_struct_ref.db_name                    PDB 
_struct_ref.db_code                    432D 
_struct_ref.pdbx_db_accession          432D 
_struct_ref.pdbx_db_isoform            ? 
_struct_ref.pdbx_seq_one_letter_code   ? 
_struct_ref.pdbx_align_begin           ? 
# 
loop_
_struct_ref_seq.align_id 
_struct_ref_seq.ref_id 
_struct_ref_seq.pdbx_PDB_id_code 
_struct_ref_seq.pdbx_strand_id 
_struct_ref_seq.seq_align_beg 
_struct_ref_seq.pdbx_seq_align_beg_ins_code 
_struct_ref_seq.seq_align_end 
_struct_ref_seq.pdbx_seq_align_end_ins_code 
_struct_ref_seq.pdbx_db_accession 
_struct_ref_seq.db_align_beg 
_struct_ref_seq.pdbx_db_align_beg_ins_code 
_struct_ref_seq.db_align_end 
_struct_ref_seq.pdbx_db_align_end_ins_code 
_struct_ref_seq.pdbx_auth_seq_align_beg 
_struct_ref_seq.pdbx_auth_seq_align_end 
1 1 432D A 1 ? 10 ? 432D 1  ? 10 ? 1  10 
2 1 432D B 1 ? 10 ? 432D 11 ? 20 ? 11 20 
# 
_pdbx_struct_assembly.id                   1 
_pdbx_struct_assembly.details              author_defined_assembly 
_pdbx_struct_assembly.method_details       ? 
_pdbx_struct_assembly.oligomeric_details   dimeric 
_pdbx_struct_assembly.oligomeric_count     2 
# 
_pdbx_struct_assembly_gen.assembly_id       1 
_pdbx_struct_assembly_gen.oper_expression   1 
_pdbx_struct_assembly_gen.asym_id_list      A,B,C,D,E 
# 
_pdbx_struct_oper_list.id                   1 
_pdbx_struct_oper_list.type                 'identity operation' 
_pdbx_struct_oper_list.name                 1_555 
_pdbx_struct_oper_list.symmetry_operation   x,y,z 
_pdbx_struct_oper_list.matrix[1][1]         1.0000000000 
_pdbx_struct_oper_list.matrix[1][2]         0.0000000000 
_pdbx_struct_oper_list.matrix[1][3]         0.0000000000 
_pdbx_struct_oper_list.vector[1]            0.0000000000 
_pdbx_struct_oper_list.matrix[2][1]         0.0000000000 
_pdbx_struct_oper_list.matrix[2][2]         1.0000000000 
_pdbx_struct_oper_list.matrix[2][3]         0.0000000000 
_pdbx_struct_oper_list.vector[2]            0.0000000000 
_pdbx_struct_oper_list.matrix[3][1]         0.0000000000 
_pdbx_struct_oper_list.matrix[3][2]         0.0000000000 
_pdbx_struct_oper_list.matrix[3][3]         1.0000000000 
_pdbx_struct_oper_list.vector[3]            0.0000000000 
# 
_struct_biol.id                    1 
_struct_biol.pdbx_parent_biol_id   ? 
_struct_biol.details               ? 
# 
loop_
_struct_conn.id 
_struct_conn.conn_type_id 
_struct_conn.pdbx_leaving_atom_flag 
_struct_conn.pdbx_PDB_id 
_struct_conn.ptnr1_label_asym_id 
_struct_conn.ptnr1_label_comp_id 
_struct_conn.ptnr1_label_seq_id 
_struct_conn.ptnr1_label_atom_id 
_struct_conn.pdbx_ptnr1_label_alt_id 
_struct_conn.pdbx_ptnr1_PDB_ins_code 
_struct_conn.pdbx_ptnr1_standard_comp_id 
_struct_conn.ptnr1_symmetry 
_struct_conn.ptnr2_label_asym_id 
_struct_conn.ptnr2_label_comp_id 
_struct_conn.ptnr2_label_seq_id 
_struct_conn.ptnr2_label_atom_id 
_struct_conn.pdbx_ptnr2_label_alt_id 
_struct_conn.pdbx_ptnr2_PDB_ins_code 
_struct_conn.ptnr1_auth_asym_id 
_struct_conn.ptnr1_auth_comp_id 
_struct_conn.ptnr1_auth_seq_id 
_struct_conn.ptnr2_auth_asym_id 
_struct_conn.ptnr2_auth_comp_id 
_struct_conn.ptnr2_auth_seq_id 
_struct_conn.ptnr2_symmetry 
_struct_conn.pdbx_ptnr3_label_atom_id 
_struct_conn.pdbx_ptnr3_label_seq_id 
_struct_conn.pdbx_ptnr3_label_comp_id 
_struct_conn.pdbx_ptnr3_label_asym_id 
_struct_conn.pdbx_ptnr3_label_alt_id 
_struct_conn.pdbx_ptnr3_PDB_ins_code 
_struct_conn.details 
_struct_conn.pdbx_dist_value 
_struct_conn.pdbx_value_order 
_struct_conn.pdbx_role 
hydrog1  hydrog ? ? A DC 3  N3 ? ? ? 1_555 B DG 10 N1 ? ? A DC 3  B DG 20 1_555 ? ? ? ? ? ? WATSON-CRICK ? ? ? 
hydrog2  hydrog ? ? A DC 3  N4 ? ? ? 1_555 B DG 10 O6 ? ? A DC 3  B DG 20 1_555 ? ? ? ? ? ? WATSON-CRICK ? ? ? 
hydrog3  hydrog ? ? A DC 3  O2 ? ? ? 1_555 B DG 10 N2 ? ? A DC 3  B DG 20 1_555 ? ? ? ? ? ? WATSON-CRICK ? ? ? 
hydrog4  hydrog ? ? A DC 4  N3 ? ? ? 1_555 B DG 9  N1 ? ? A DC 4  B DG 19 1_555 ? ? ? ? ? ? WATSON-CRICK ? ? ? 
hydrog5  hydrog ? ? A DC 4  N4 ? ? ? 1_555 B DG 9  O6 ? ? A DC 4  B DG 19 1_555 ? ? ? ? ? ? WATSON-CRICK ? ? ? 
hydrog6  hydrog ? ? A DC 4  O2 ? ? ? 1_555 B DG 9  N2 ? ? A DC 4  B DG 19 1_555 ? ? ? ? ? ? WATSON-CRICK ? ? ? 
hydrog7  hydrog ? ? A DA 5  N1 ? ? ? 1_555 B DT 8  N3 ? ? A DA 5  B DT 18 1_555 ? ? ? ? ? ? WATSON-CRICK ? ? ? 
hydrog8  hydrog ? ? A DA 5  N6 ? ? ? 1_555 B DT 8  O4 ? ? A DA 5  B DT 18 1_555 ? ? ? ? ? ? WATSON-CRICK ? ? ? 
hydrog9  hydrog ? ? A DA 6  N1 ? ? ? 1_555 B DT 7  N3 ? ? A DA 6  B DT 17 1_555 ? ? ? ? ? ? WATSON-CRICK ? ? ? 
hydrog10 hydrog ? ? A DA 6  N6 ? ? ? 1_555 B DT 7  O4 ? ? A DA 6  B DT 17 1_555 ? ? ? ? ? ? WATSON-CRICK ? ? ? 
hydrog11 hydrog ? ? A DT 7  N3 ? ? ? 1_555 B DA 6  N1 ? ? A DT 7  B DA 16 1_555 ? ? ? ? ? ? WATSON-CRICK ? ? ? 
hydrog12 hydrog ? ? A DT 7  O4 ? ? ? 1_555 B DA 6  N6 ? ? A DT 7  B DA 16 1_555 ? ? ? ? ? ? WATSON-CRICK ? ? ? 
hydrog13 hydrog ? ? A DT 8  N3 ? ? ? 1_555 B DA 5  N1 ? ? A DT 8  B DA 15 1_555 ? ? ? ? ? ? WATSON-CRICK ? ? ? 
hydrog14 hydrog ? ? A DT 8  O4 ? ? ? 1_555 B DA 5  N6 ? ? A DT 8  B DA 15 1_555 ? ? ? ? ? ? WATSON-CRICK ? ? ? 
hydrog15 hydrog ? ? A DG 9  N1 ? ? ? 1_555 B DC 4  N3 ? ? A DG 9  B DC 14 1_555 ? ? ? ? ? ? WATSON-CRICK ? ? ? 
hydrog16 hydrog ? ? A DG 9  N2 ? ? ? 1_555 B DC 4  O2 ? ? A DG 9  B DC 14 1_555 ? ? ? ? ? ? WATSON-CRICK ? ? ? 
hydrog17 hydrog ? ? A DG 9  O6 ? ? ? 1_555 B DC 4  N4 ? ? A DG 9  B DC 14 1_555 ? ? ? ? ? ? WATSON-CRICK ? ? ? 
hydrog18 hydrog ? ? A DG 10 N1 ? ? ? 1_555 B DC 3  N3 ? ? A DG 10 B DC 13 1_555 ? ? ? ? ? ? WATSON-CRICK ? ? ? 
hydrog19 hydrog ? ? A DG 10 N2 ? ? ? 1_555 B DC 3  O2 ? ? A DG 10 B DC 13 1_555 ? ? ? ? ? ? WATSON-CRICK ? ? ? 
hydrog20 hydrog ? ? A DG 10 O6 ? ? ? 1_555 B DC 3  N4 ? ? A DG 10 B DC 13 1_555 ? ? ? ? ? ? WATSON-CRICK ? ? ? 
# 
_struct_conn_type.id          hydrog 
_struct_conn_type.criteria    ? 
_struct_conn_type.reference   ? 
# 
loop_
_struct_site.id 
_struct_site.pdbx_evidence_code 
_struct_site.pdbx_auth_asym_id 
_struct_site.pdbx_auth_comp_id 
_struct_site.pdbx_auth_seq_id 
_struct_site.pdbx_auth_ins_code 
_struct_site.pdbx_num_residues 
_struct_site.details 
AC1 Software A DAP 21 ? 11 'BINDING SITE FOR RESIDUE DAP A 21' 
1   ?        ? ?   ?  ? ?  ?                                   
# 
loop_
_struct_site_gen.id 
_struct_site_gen.site_id 
_struct_site_gen.pdbx_num_res 
_struct_site_gen.label_comp_id 
_struct_site_gen.label_asym_id 
_struct_site_gen.label_seq_id 
_struct_site_gen.pdbx_auth_ins_code 
_struct_site_gen.auth_comp_id 
_struct_site_gen.auth_asym_id 
_struct_site_gen.auth_seq_id 
_struct_site_gen.label_atom_id 
_struct_site_gen.label_alt_id 
_struct_site_gen.symmetry 
_struct_site_gen.details 
1  AC1 11 DT  A 7  ? DT  A 7  . ? 1_555 ? 
2  AC1 11 DT  A 8  ? DT  A 8  . ? 1_555 ? 
3  AC1 11 DG  A 9  ? DG  A 9  . ? 1_555 ? 
4  AC1 11 DG  A 10 ? DG  A 10 . ? 1_555 ? 
5  AC1 11 HOH D .  ? HOH A 56 . ? 1_555 ? 
6  AC1 11 HOH D .  ? HOH A 94 . ? 1_555 ? 
7  AC1 11 DA  B 6  ? DA  B 16 . ? 1_555 ? 
8  AC1 11 DT  B 7  ? DT  B 17 . ? 1_555 ? 
9  AC1 11 DT  B 8  ? DT  B 18 . ? 1_555 ? 
10 AC1 11 HOH E .  ? HOH B 42 . ? 1_555 ? 
11 AC1 11 HOH E .  ? HOH B 72 . ? 4_456 ? 
# 
_pdbx_validate_rmsd_bond.id                        1 
_pdbx_validate_rmsd_bond.PDB_model_num             1 
_pdbx_validate_rmsd_bond.auth_atom_id_1            "O4'" 
_pdbx_validate_rmsd_bond.auth_asym_id_1            A 
_pdbx_validate_rmsd_bond.auth_comp_id_1            DT 
_pdbx_validate_rmsd_bond.auth_seq_id_1             8 
_pdbx_validate_rmsd_bond.PDB_ins_code_1            ? 
_pdbx_validate_rmsd_bond.label_alt_id_1            ? 
_pdbx_validate_rmsd_bond.auth_atom_id_2            "C1'" 
_pdbx_validate_rmsd_bond.auth_asym_id_2            A 
_pdbx_validate_rmsd_bond.auth_comp_id_2            DT 
_pdbx_validate_rmsd_bond.auth_seq_id_2             8 
_pdbx_validate_rmsd_bond.PDB_ins_code_2            ? 
_pdbx_validate_rmsd_bond.label_alt_id_2            ? 
_pdbx_validate_rmsd_bond.bond_value                1.488 
_pdbx_validate_rmsd_bond.bond_target_value         1.420 
_pdbx_validate_rmsd_bond.bond_deviation            0.068 
_pdbx_validate_rmsd_bond.bond_standard_deviation   0.011 
_pdbx_validate_rmsd_bond.linker_flag               N 
# 
loop_
_pdbx_validate_rmsd_angle.id 
_pdbx_validate_rmsd_angle.PDB_model_num 
_pdbx_validate_rmsd_angle.auth_atom_id_1 
_pdbx_validate_rmsd_angle.auth_asym_id_1 
_pdbx_validate_rmsd_angle.auth_comp_id_1 
_pdbx_validate_rmsd_angle.auth_seq_id_1 
_pdbx_validate_rmsd_angle.PDB_ins_code_1 
_pdbx_validate_rmsd_angle.label_alt_id_1 
_pdbx_validate_rmsd_angle.auth_atom_id_2 
_pdbx_validate_rmsd_angle.auth_asym_id_2 
_pdbx_validate_rmsd_angle.auth_comp_id_2 
_pdbx_validate_rmsd_angle.auth_seq_id_2 
_pdbx_validate_rmsd_angle.PDB_ins_code_2 
_pdbx_validate_rmsd_angle.label_alt_id_2 
_pdbx_validate_rmsd_angle.auth_atom_id_3 
_pdbx_validate_rmsd_angle.auth_asym_id_3 
_pdbx_validate_rmsd_angle.auth_comp_id_3 
_pdbx_validate_rmsd_angle.auth_seq_id_3 
_pdbx_validate_rmsd_angle.PDB_ins_code_3 
_pdbx_validate_rmsd_angle.label_alt_id_3 
_pdbx_validate_rmsd_angle.angle_value 
_pdbx_validate_rmsd_angle.angle_target_value 
_pdbx_validate_rmsd_angle.angle_deviation 
_pdbx_validate_rmsd_angle.angle_standard_deviation 
_pdbx_validate_rmsd_angle.linker_flag 
1  1 "O5'" A DG 2  ? ? "C5'" A DG 2  ? ? "C4'" A DG 2  ? ? 102.63 109.40 -6.77  0.80 N 
2  1 "C3'" A DC 4  ? ? "C2'" A DC 4  ? ? "C1'" A DC 4  ? ? 96.39  102.40 -6.01  0.80 N 
3  1 "O4'" A DC 4  ? ? "C1'" A DC 4  ? ? N1    A DC 4  ? ? 111.08 108.30 2.78   0.30 N 
4  1 N9    A DA 5  ? ? "C1'" A DA 5  ? ? "C2'" A DA 5  ? ? 123.19 114.30 8.89   1.40 N 
5  1 "C3'" A DA 5  ? ? "O3'" A DA 5  ? ? P     A DA 6  ? ? 127.26 119.70 7.56   1.20 Y 
6  1 "O5'" A DA 6  ? ? "C5'" A DA 6  ? ? "C4'" A DA 6  ? ? 101.36 109.40 -8.04  0.80 N 
7  1 "O4'" A DA 6  ? ? "C1'" A DA 6  ? ? "C2'" A DA 6  ? ? 100.97 105.90 -4.93  0.80 N 
8  1 N9    A DA 6  ? ? "C1'" A DA 6  ? ? "C2'" A DA 6  ? ? 124.27 114.30 9.97   1.40 N 
9  1 "O4'" A DA 6  ? ? "C1'" A DA 6  ? ? N9    A DA 6  ? ? 103.48 108.00 -4.52  0.70 N 
10 1 N1    A DA 6  ? ? C6    A DA 6  ? ? N6    A DA 6  ? ? 124.38 118.60 5.78   0.60 N 
11 1 "O5'" A DT 7  ? ? "C5'" A DT 7  ? ? "C4'" A DT 7  ? ? 103.55 109.40 -5.85  0.80 N 
12 1 "O4'" A DT 7  ? ? "C1'" A DT 7  ? ? "C2'" A DT 7  ? ? 100.71 105.90 -5.19  0.80 N 
13 1 "O4'" A DT 7  ? ? "C1'" A DT 7  ? ? N1    A DT 7  ? ? 101.77 108.00 -6.23  0.70 N 
14 1 "O5'" A DT 8  ? ? "C5'" A DT 8  ? ? "C4'" A DT 8  ? ? 103.99 109.40 -5.41  0.80 N 
15 1 "O4'" A DT 8  ? ? "C1'" A DT 8  ? ? "C2'" A DT 8  ? ? 101.03 105.90 -4.87  0.80 N 
16 1 N1    A DT 8  ? ? "C1'" A DT 8  ? ? "C2'" A DT 8  ? ? 124.27 114.30 9.97   1.40 N 
17 1 "O4'" A DT 8  ? ? "C1'" A DT 8  ? ? N1    A DT 8  ? ? 96.98  108.00 -11.02 0.70 N 
18 1 "C3'" A DT 8  ? ? "O3'" A DT 8  ? ? P     A DG 9  ? ? 129.24 119.70 9.54   1.20 Y 
19 1 "O4'" A DG 9  ? ? "C1'" A DG 9  ? ? N9    A DG 9  ? ? 101.45 108.00 -6.55  0.70 N 
20 1 N1    A DG 9  ? ? C6    A DG 9  ? ? O6    A DG 9  ? ? 125.06 119.90 5.16   0.60 N 
21 1 C5    A DG 9  ? ? C6    A DG 9  ? ? O6    A DG 9  ? ? 122.88 128.60 -5.72  0.60 N 
22 1 "O5'" A DG 10 ? ? "C5'" A DG 10 ? ? "C4'" A DG 10 ? ? 101.56 109.40 -7.84  0.80 N 
23 1 N1    B DC 13 ? ? C2    B DC 13 ? ? O2    B DC 13 ? ? 123.38 118.90 4.48   0.60 N 
24 1 "C3'" B DC 14 ? ? "O3'" B DC 14 ? ? P     B DA 15 ? ? 127.10 119.70 7.40   1.20 Y 
25 1 "C3'" B DA 15 ? ? "C2'" B DA 15 ? ? "C1'" B DA 15 ? ? 97.17  102.40 -5.23  0.80 N 
26 1 N1    B DA 15 ? ? C6    B DA 15 ? ? N6    B DA 15 ? ? 122.20 118.60 3.60   0.60 N 
27 1 N1    B DT 17 ? ? "C1'" B DT 17 ? ? "C2'" B DT 17 ? ? 124.93 114.30 10.63  1.40 N 
28 1 "O4'" B DT 17 ? ? "C1'" B DT 17 ? ? N1    B DT 17 ? ? 99.70  108.00 -8.30  0.70 N 
29 1 "O4'" B DT 18 ? ? "C1'" B DT 18 ? ? "C2'" B DT 18 ? ? 100.23 105.90 -5.67  0.80 N 
30 1 N1    B DT 18 ? ? "C1'" B DT 18 ? ? "C2'" B DT 18 ? ? 124.11 114.30 9.81   1.40 N 
31 1 "O4'" B DT 18 ? ? "C1'" B DT 18 ? ? N1    B DT 18 ? ? 100.01 108.00 -7.99  0.70 N 
32 1 "O4'" B DG 19 ? ? "C1'" B DG 19 ? ? N9    B DG 19 ? ? 100.49 108.00 -7.51  0.70 N 
# 
_struct_site_keywords.site_id   1 
_struct_site_keywords.text      'MINOR GROOVE BINDER' 
# 
loop_
_chem_comp_atom.comp_id 
_chem_comp_atom.atom_id 
_chem_comp_atom.type_symbol 
_chem_comp_atom.pdbx_aromatic_flag 
_chem_comp_atom.pdbx_stereo_config 
_chem_comp_atom.pdbx_ordinal 
DA  OP3    O N N 1   
DA  P      P N N 2   
DA  OP1    O N N 3   
DA  OP2    O N N 4   
DA  "O5'"  O N N 5   
DA  "C5'"  C N N 6   
DA  "C4'"  C N R 7   
DA  "O4'"  O N N 8   
DA  "C3'"  C N S 9   
DA  "O3'"  O N N 10  
DA  "C2'"  C N N 11  
DA  "C1'"  C N R 12  
DA  N9     N Y N 13  
DA  C8     C Y N 14  
DA  N7     N Y N 15  
DA  C5     C Y N 16  
DA  C6     C Y N 17  
DA  N6     N N N 18  
DA  N1     N Y N 19  
DA  C2     C Y N 20  
DA  N3     N Y N 21  
DA  C4     C Y N 22  
DA  HOP3   H N N 23  
DA  HOP2   H N N 24  
DA  "H5'"  H N N 25  
DA  "H5''" H N N 26  
DA  "H4'"  H N N 27  
DA  "H3'"  H N N 28  
DA  "HO3'" H N N 29  
DA  "H2'"  H N N 30  
DA  "H2''" H N N 31  
DA  "H1'"  H N N 32  
DA  H8     H N N 33  
DA  H61    H N N 34  
DA  H62    H N N 35  
DA  H2     H N N 36  
DAP N1     N Y N 37  
DAP C2     C Y N 38  
DAP C3     C Y N 39  
DAP C4     C Y N 40  
DAP C5     C Y N 41  
DAP C6     C Y N 42  
DAP C7     C Y N 43  
DAP C8     C Y N 44  
DAP C9     C Y N 45  
DAP C10    C N N 46  
DAP N2     N N N 47  
DAP N3     N N N 48  
DAP "C1'"  C Y N 49  
DAP "C2'"  C Y N 50  
DAP "C3'"  C Y N 51  
DAP "C4'"  C Y N 52  
DAP "C5'"  C Y N 53  
DAP "C6'"  C Y N 54  
DAP C11    C N N 55  
DAP N4     N N N 56  
DAP N5     N N N 57  
DAP HN1    H N N 58  
DAP H3     H N N 59  
DAP H4     H N N 60  
DAP H5     H N N 61  
DAP H7     H N N 62  
DAP HN2    H N N 63  
DAP HN31   H N N 64  
DAP HN32   H N N 65  
DAP "H2'"  H N N 66  
DAP "H3'"  H N N 67  
DAP "H5'"  H N N 68  
DAP "H6'"  H N N 69  
DAP HN4    H N N 70  
DAP HN51   H N N 71  
DAP HN52   H N N 72  
DC  OP3    O N N 73  
DC  P      P N N 74  
DC  OP1    O N N 75  
DC  OP2    O N N 76  
DC  "O5'"  O N N 77  
DC  "C5'"  C N N 78  
DC  "C4'"  C N R 79  
DC  "O4'"  O N N 80  
DC  "C3'"  C N S 81  
DC  "O3'"  O N N 82  
DC  "C2'"  C N N 83  
DC  "C1'"  C N R 84  
DC  N1     N N N 85  
DC  C2     C N N 86  
DC  O2     O N N 87  
DC  N3     N N N 88  
DC  C4     C N N 89  
DC  N4     N N N 90  
DC  C5     C N N 91  
DC  C6     C N N 92  
DC  HOP3   H N N 93  
DC  HOP2   H N N 94  
DC  "H5'"  H N N 95  
DC  "H5''" H N N 96  
DC  "H4'"  H N N 97  
DC  "H3'"  H N N 98  
DC  "HO3'" H N N 99  
DC  "H2'"  H N N 100 
DC  "H2''" H N N 101 
DC  "H1'"  H N N 102 
DC  H41    H N N 103 
DC  H42    H N N 104 
DC  H5     H N N 105 
DC  H6     H N N 106 
DG  OP3    O N N 107 
DG  P      P N N 108 
DG  OP1    O N N 109 
DG  OP2    O N N 110 
DG  "O5'"  O N N 111 
DG  "C5'"  C N N 112 
DG  "C4'"  C N R 113 
DG  "O4'"  O N N 114 
DG  "C3'"  C N S 115 
DG  "O3'"  O N N 116 
DG  "C2'"  C N N 117 
DG  "C1'"  C N R 118 
DG  N9     N Y N 119 
DG  C8     C Y N 120 
DG  N7     N Y N 121 
DG  C5     C Y N 122 
DG  C6     C N N 123 
DG  O6     O N N 124 
DG  N1     N N N 125 
DG  C2     C N N 126 
DG  N2     N N N 127 
DG  N3     N N N 128 
DG  C4     C Y N 129 
DG  HOP3   H N N 130 
DG  HOP2   H N N 131 
DG  "H5'"  H N N 132 
DG  "H5''" H N N 133 
DG  "H4'"  H N N 134 
DG  "H3'"  H N N 135 
DG  "HO3'" H N N 136 
DG  "H2'"  H N N 137 
DG  "H2''" H N N 138 
DG  "H1'"  H N N 139 
DG  H8     H N N 140 
DG  H1     H N N 141 
DG  H21    H N N 142 
DG  H22    H N N 143 
DT  OP3    O N N 144 
DT  P      P N N 145 
DT  OP1    O N N 146 
DT  OP2    O N N 147 
DT  "O5'"  O N N 148 
DT  "C5'"  C N N 149 
DT  "C4'"  C N R 150 
DT  "O4'"  O N N 151 
DT  "C3'"  C N S 152 
DT  "O3'"  O N N 153 
DT  "C2'"  C N N 154 
DT  "C1'"  C N R 155 
DT  N1     N N N 156 
DT  C2     C N N 157 
DT  O2     O N N 158 
DT  N3     N N N 159 
DT  C4     C N N 160 
DT  O4     O N N 161 
DT  C5     C N N 162 
DT  C7     C N N 163 
DT  C6     C N N 164 
DT  HOP3   H N N 165 
DT  HOP2   H N N 166 
DT  "H5'"  H N N 167 
DT  "H5''" H N N 168 
DT  "H4'"  H N N 169 
DT  "H3'"  H N N 170 
DT  "HO3'" H N N 171 
DT  "H2'"  H N N 172 
DT  "H2''" H N N 173 
DT  "H1'"  H N N 174 
DT  H3     H N N 175 
DT  H71    H N N 176 
DT  H72    H N N 177 
DT  H73    H N N 178 
DT  H6     H N N 179 
HOH O      O N N 180 
HOH H1     H N N 181 
HOH H2     H N N 182 
# 
loop_
_chem_comp_bond.comp_id 
_chem_comp_bond.atom_id_1 
_chem_comp_bond.atom_id_2 
_chem_comp_bond.value_order 
_chem_comp_bond.pdbx_aromatic_flag 
_chem_comp_bond.pdbx_stereo_config 
_chem_comp_bond.pdbx_ordinal 
DA  OP3   P      sing N N 1   
DA  OP3   HOP3   sing N N 2   
DA  P     OP1    doub N N 3   
DA  P     OP2    sing N N 4   
DA  P     "O5'"  sing N N 5   
DA  OP2   HOP2   sing N N 6   
DA  "O5'" "C5'"  sing N N 7   
DA  "C5'" "C4'"  sing N N 8   
DA  "C5'" "H5'"  sing N N 9   
DA  "C5'" "H5''" sing N N 10  
DA  "C4'" "O4'"  sing N N 11  
DA  "C4'" "C3'"  sing N N 12  
DA  "C4'" "H4'"  sing N N 13  
DA  "O4'" "C1'"  sing N N 14  
DA  "C3'" "O3'"  sing N N 15  
DA  "C3'" "C2'"  sing N N 16  
DA  "C3'" "H3'"  sing N N 17  
DA  "O3'" "HO3'" sing N N 18  
DA  "C2'" "C1'"  sing N N 19  
DA  "C2'" "H2'"  sing N N 20  
DA  "C2'" "H2''" sing N N 21  
DA  "C1'" N9     sing N N 22  
DA  "C1'" "H1'"  sing N N 23  
DA  N9    C8     sing Y N 24  
DA  N9    C4     sing Y N 25  
DA  C8    N7     doub Y N 26  
DA  C8    H8     sing N N 27  
DA  N7    C5     sing Y N 28  
DA  C5    C6     sing Y N 29  
DA  C5    C4     doub Y N 30  
DA  C6    N6     sing N N 31  
DA  C6    N1     doub Y N 32  
DA  N6    H61    sing N N 33  
DA  N6    H62    sing N N 34  
DA  N1    C2     sing Y N 35  
DA  C2    N3     doub Y N 36  
DA  C2    H2     sing N N 37  
DA  N3    C4     sing Y N 38  
DAP N1    C2     sing Y N 39  
DAP N1    C8     sing Y N 40  
DAP N1    HN1    sing N N 41  
DAP C2    C3     doub Y N 42  
DAP C2    "C1'"  sing Y N 43  
DAP C3    C9     sing Y N 44  
DAP C3    H3     sing N N 45  
DAP C4    C5     doub Y N 46  
DAP C4    C9     sing Y N 47  
DAP C4    H4     sing N N 48  
DAP C5    C6     sing Y N 49  
DAP C5    H5     sing N N 50  
DAP C6    C7     doub Y N 51  
DAP C6    C10    sing N N 52  
DAP C7    C8     sing Y N 53  
DAP C7    H7     sing N N 54  
DAP C8    C9     doub Y N 55  
DAP C10   N2     doub N N 56  
DAP C10   N3     sing N N 57  
DAP N2    HN2    sing N N 58  
DAP N3    HN31   sing N N 59  
DAP N3    HN32   sing N N 60  
DAP "C1'" "C2'"  doub Y N 61  
DAP "C1'" "C6'"  sing Y N 62  
DAP "C2'" "C3'"  sing Y N 63  
DAP "C2'" "H2'"  sing N N 64  
DAP "C3'" "C4'"  doub Y N 65  
DAP "C3'" "H3'"  sing N N 66  
DAP "C4'" "C5'"  sing Y N 67  
DAP "C4'" C11    sing N N 68  
DAP "C5'" "C6'"  doub Y N 69  
DAP "C5'" "H5'"  sing N N 70  
DAP "C6'" "H6'"  sing N N 71  
DAP C11   N4     doub N N 72  
DAP C11   N5     sing N N 73  
DAP N4    HN4    sing N N 74  
DAP N5    HN51   sing N N 75  
DAP N5    HN52   sing N N 76  
DC  OP3   P      sing N N 77  
DC  OP3   HOP3   sing N N 78  
DC  P     OP1    doub N N 79  
DC  P     OP2    sing N N 80  
DC  P     "O5'"  sing N N 81  
DC  OP2   HOP2   sing N N 82  
DC  "O5'" "C5'"  sing N N 83  
DC  "C5'" "C4'"  sing N N 84  
DC  "C5'" "H5'"  sing N N 85  
DC  "C5'" "H5''" sing N N 86  
DC  "C4'" "O4'"  sing N N 87  
DC  "C4'" "C3'"  sing N N 88  
DC  "C4'" "H4'"  sing N N 89  
DC  "O4'" "C1'"  sing N N 90  
DC  "C3'" "O3'"  sing N N 91  
DC  "C3'" "C2'"  sing N N 92  
DC  "C3'" "H3'"  sing N N 93  
DC  "O3'" "HO3'" sing N N 94  
DC  "C2'" "C1'"  sing N N 95  
DC  "C2'" "H2'"  sing N N 96  
DC  "C2'" "H2''" sing N N 97  
DC  "C1'" N1     sing N N 98  
DC  "C1'" "H1'"  sing N N 99  
DC  N1    C2     sing N N 100 
DC  N1    C6     sing N N 101 
DC  C2    O2     doub N N 102 
DC  C2    N3     sing N N 103 
DC  N3    C4     doub N N 104 
DC  C4    N4     sing N N 105 
DC  C4    C5     sing N N 106 
DC  N4    H41    sing N N 107 
DC  N4    H42    sing N N 108 
DC  C5    C6     doub N N 109 
DC  C5    H5     sing N N 110 
DC  C6    H6     sing N N 111 
DG  OP3   P      sing N N 112 
DG  OP3   HOP3   sing N N 113 
DG  P     OP1    doub N N 114 
DG  P     OP2    sing N N 115 
DG  P     "O5'"  sing N N 116 
DG  OP2   HOP2   sing N N 117 
DG  "O5'" "C5'"  sing N N 118 
DG  "C5'" "C4'"  sing N N 119 
DG  "C5'" "H5'"  sing N N 120 
DG  "C5'" "H5''" sing N N 121 
DG  "C4'" "O4'"  sing N N 122 
DG  "C4'" "C3'"  sing N N 123 
DG  "C4'" "H4'"  sing N N 124 
DG  "O4'" "C1'"  sing N N 125 
DG  "C3'" "O3'"  sing N N 126 
DG  "C3'" "C2'"  sing N N 127 
DG  "C3'" "H3'"  sing N N 128 
DG  "O3'" "HO3'" sing N N 129 
DG  "C2'" "C1'"  sing N N 130 
DG  "C2'" "H2'"  sing N N 131 
DG  "C2'" "H2''" sing N N 132 
DG  "C1'" N9     sing N N 133 
DG  "C1'" "H1'"  sing N N 134 
DG  N9    C8     sing Y N 135 
DG  N9    C4     sing Y N 136 
DG  C8    N7     doub Y N 137 
DG  C8    H8     sing N N 138 
DG  N7    C5     sing Y N 139 
DG  C5    C6     sing N N 140 
DG  C5    C4     doub Y N 141 
DG  C6    O6     doub N N 142 
DG  C6    N1     sing N N 143 
DG  N1    C2     sing N N 144 
DG  N1    H1     sing N N 145 
DG  C2    N2     sing N N 146 
DG  C2    N3     doub N N 147 
DG  N2    H21    sing N N 148 
DG  N2    H22    sing N N 149 
DG  N3    C4     sing N N 150 
DT  OP3   P      sing N N 151 
DT  OP3   HOP3   sing N N 152 
DT  P     OP1    doub N N 153 
DT  P     OP2    sing N N 154 
DT  P     "O5'"  sing N N 155 
DT  OP2   HOP2   sing N N 156 
DT  "O5'" "C5'"  sing N N 157 
DT  "C5'" "C4'"  sing N N 158 
DT  "C5'" "H5'"  sing N N 159 
DT  "C5'" "H5''" sing N N 160 
DT  "C4'" "O4'"  sing N N 161 
DT  "C4'" "C3'"  sing N N 162 
DT  "C4'" "H4'"  sing N N 163 
DT  "O4'" "C1'"  sing N N 164 
DT  "C3'" "O3'"  sing N N 165 
DT  "C3'" "C2'"  sing N N 166 
DT  "C3'" "H3'"  sing N N 167 
DT  "O3'" "HO3'" sing N N 168 
DT  "C2'" "C1'"  sing N N 169 
DT  "C2'" "H2'"  sing N N 170 
DT  "C2'" "H2''" sing N N 171 
DT  "C1'" N1     sing N N 172 
DT  "C1'" "H1'"  sing N N 173 
DT  N1    C2     sing N N 174 
DT  N1    C6     sing N N 175 
DT  C2    O2     doub N N 176 
DT  C2    N3     sing N N 177 
DT  N3    C4     sing N N 178 
DT  N3    H3     sing N N 179 
DT  C4    O4     doub N N 180 
DT  C4    C5     sing N N 181 
DT  C5    C7     sing N N 182 
DT  C5    C6     doub N N 183 
DT  C7    H71    sing N N 184 
DT  C7    H72    sing N N 185 
DT  C7    H73    sing N N 186 
DT  C6    H6     sing N N 187 
HOH O     H1     sing N N 188 
HOH O     H2     sing N N 189 
# 
_ndb_struct_conf_na.entry_id   432D 
_ndb_struct_conf_na.feature    'b-form double helix' 
# 
loop_
_ndb_struct_na_base_pair.model_number 
_ndb_struct_na_base_pair.i_label_asym_id 
_ndb_struct_na_base_pair.i_label_comp_id 
_ndb_struct_na_base_pair.i_label_seq_id 
_ndb_struct_na_base_pair.i_symmetry 
_ndb_struct_na_base_pair.j_label_asym_id 
_ndb_struct_na_base_pair.j_label_comp_id 
_ndb_struct_na_base_pair.j_label_seq_id 
_ndb_struct_na_base_pair.j_symmetry 
_ndb_struct_na_base_pair.shear 
_ndb_struct_na_base_pair.stretch 
_ndb_struct_na_base_pair.stagger 
_ndb_struct_na_base_pair.buckle 
_ndb_struct_na_base_pair.propeller 
_ndb_struct_na_base_pair.opening 
_ndb_struct_na_base_pair.pair_number 
_ndb_struct_na_base_pair.pair_name 
_ndb_struct_na_base_pair.i_auth_asym_id 
_ndb_struct_na_base_pair.i_auth_seq_id 
_ndb_struct_na_base_pair.i_PDB_ins_code 
_ndb_struct_na_base_pair.j_auth_asym_id 
_ndb_struct_na_base_pair.j_auth_seq_id 
_ndb_struct_na_base_pair.j_PDB_ins_code 
_ndb_struct_na_base_pair.hbond_type_28 
_ndb_struct_na_base_pair.hbond_type_12 
1 A DC 3  1_555 B DG 10 1_555 0.114  -0.161 -0.062 7.125   -16.984 -1.120 1 A_DC3:DG20_B  A 3  ? B 20 ? 19 1 
1 A DC 4  1_555 B DG 9  1_555 0.230  -0.022 -0.346 22.181  -1.469  1.493  2 A_DC4:DG19_B  A 4  ? B 19 ? 19 1 
1 A DA 5  1_555 B DT 8  1_555 0.093  -0.089 -0.130 2.031   -16.444 -1.681 3 A_DA5:DT18_B  A 5  ? B 18 ? 20 1 
1 A DA 6  1_555 B DT 7  1_555 -0.207 -0.224 -0.094 0.867   -18.262 4.007  4 A_DA6:DT17_B  A 6  ? B 17 ? 20 1 
1 A DT 7  1_555 B DA 6  1_555 -0.167 -0.042 -0.250 5.646   -15.877 7.924  5 A_DT7:DA16_B  A 7  ? B 16 ? 20 1 
1 A DT 8  1_555 B DA 5  1_555 -0.113 -0.108 -0.155 -11.144 -16.338 7.076  6 A_DT8:DA15_B  A 8  ? B 15 ? 20 1 
1 A DG 9  1_555 B DC 4  1_555 -0.078 -0.140 0.070  -6.450  -6.899  -3.660 7 A_DG9:DC14_B  A 9  ? B 14 ? 19 1 
1 A DG 10 1_555 B DC 3  1_555 -0.300 -0.149 0.081  -2.832  -18.618 -2.731 8 A_DG10:DC13_B A 10 ? B 13 ? 19 1 
# 
loop_
_ndb_struct_na_base_pair_step.model_number 
_ndb_struct_na_base_pair_step.i_label_asym_id_1 
_ndb_struct_na_base_pair_step.i_label_comp_id_1 
_ndb_struct_na_base_pair_step.i_label_seq_id_1 
_ndb_struct_na_base_pair_step.i_symmetry_1 
_ndb_struct_na_base_pair_step.j_label_asym_id_1 
_ndb_struct_na_base_pair_step.j_label_comp_id_1 
_ndb_struct_na_base_pair_step.j_label_seq_id_1 
_ndb_struct_na_base_pair_step.j_symmetry_1 
_ndb_struct_na_base_pair_step.i_label_asym_id_2 
_ndb_struct_na_base_pair_step.i_label_comp_id_2 
_ndb_struct_na_base_pair_step.i_label_seq_id_2 
_ndb_struct_na_base_pair_step.i_symmetry_2 
_ndb_struct_na_base_pair_step.j_label_asym_id_2 
_ndb_struct_na_base_pair_step.j_label_comp_id_2 
_ndb_struct_na_base_pair_step.j_label_seq_id_2 
_ndb_struct_na_base_pair_step.j_symmetry_2 
_ndb_struct_na_base_pair_step.shift 
_ndb_struct_na_base_pair_step.slide 
_ndb_struct_na_base_pair_step.rise 
_ndb_struct_na_base_pair_step.tilt 
_ndb_struct_na_base_pair_step.roll 
_ndb_struct_na_base_pair_step.twist 
_ndb_struct_na_base_pair_step.x_displacement 
_ndb_struct_na_base_pair_step.y_displacement 
_ndb_struct_na_base_pair_step.helical_rise 
_ndb_struct_na_base_pair_step.inclination 
_ndb_struct_na_base_pair_step.tip 
_ndb_struct_na_base_pair_step.helical_twist 
_ndb_struct_na_base_pair_step.step_number 
_ndb_struct_na_base_pair_step.step_name 
_ndb_struct_na_base_pair_step.i_auth_asym_id_1 
_ndb_struct_na_base_pair_step.i_auth_seq_id_1 
_ndb_struct_na_base_pair_step.i_PDB_ins_code_1 
_ndb_struct_na_base_pair_step.j_auth_asym_id_1 
_ndb_struct_na_base_pair_step.j_auth_seq_id_1 
_ndb_struct_na_base_pair_step.j_PDB_ins_code_1 
_ndb_struct_na_base_pair_step.i_auth_asym_id_2 
_ndb_struct_na_base_pair_step.i_auth_seq_id_2 
_ndb_struct_na_base_pair_step.i_PDB_ins_code_2 
_ndb_struct_na_base_pair_step.j_auth_asym_id_2 
_ndb_struct_na_base_pair_step.j_auth_seq_id_2 
_ndb_struct_na_base_pair_step.j_PDB_ins_code_2 
1 A DC 3 1_555 B DG 10 1_555 A DC 4  1_555 B DG 9 1_555 0.676  0.395  3.075 6.218  10.666 24.834 -1.736 0.081  3.062 23.069 
-13.448 27.690 1 AA_DC3DC4:DG19DG20_BB  A 3 ? B 20 ? A 4  ? B 19 ? 
1 A DC 4 1_555 B DG 9  1_555 A DA 5  1_555 B DT 8 1_555 -0.238 0.741  3.778 0.101  5.903  46.381 0.359  0.309  3.839 7.459  -0.128 
46.735 2 AA_DC4DA5:DT18DG19_BB  A 4 ? B 19 ? A 5  ? B 18 ? 
1 A DA 5 1_555 B DT 8  1_555 A DA 6  1_555 B DT 7 1_555 0.622  -0.063 3.237 0.848  -0.545 35.084 -0.024 -0.905 3.251 -0.904 -1.406 
35.098 3 AA_DA5DA6:DT17DT18_BB  A 5 ? B 18 ? A 6  ? B 17 ? 
1 A DA 6 1_555 B DT 7  1_555 A DT 7  1_555 B DA 6 1_555 0.092  -0.428 3.061 0.358  0.208  31.858 -0.815 -0.106 3.059 0.379  -0.652 
31.861 4 AA_DA6DT7:DA16DT17_BB  A 6 ? B 17 ? A 7  ? B 16 ? 
1 A DT 7 1_555 B DA 6  1_555 A DT 8  1_555 B DA 5 1_555 0.495  0.022  3.667 5.710  4.573  41.051 -0.515 -0.014 3.682 6.459  -8.065 
41.669 5 AA_DT7DT8:DA15DA16_BB  A 7 ? B 16 ? A 8  ? B 15 ? 
1 A DT 8 1_555 B DA 5  1_555 A DG 9  1_555 B DC 4 1_555 -0.760 -0.047 3.268 -3.746 6.609  32.477 -1.194 0.695  3.261 11.619 6.585 
33.331 6 AA_DT8DG9:DC14DA15_BB  A 8 ? B 15 ? A 9  ? B 14 ? 
1 A DG 9 1_555 B DC 4  1_555 A DG 10 1_555 B DC 3 1_555 0.222  -0.281 3.264 -0.860 7.599  28.909 -2.102 -0.607 3.084 14.894 1.686 
29.882 7 AA_DG9DG10:DC13DC14_BB A 9 ? B 14 ? A 10 ? B 13 ? 
# 
_pdbx_initial_refinement_model.accession_code   431D 
_pdbx_initial_refinement_model.id               1 
_pdbx_initial_refinement_model.entity_id_list   ? 
_pdbx_initial_refinement_model.type             'experimental model' 
_pdbx_initial_refinement_model.source_name      PDB 
_pdbx_initial_refinement_model.details          'BD0006 USED AS STARTING MODEL FOR REFINEMENT' 
# 
_atom_sites.entry_id                    432D 
_atom_sites.fract_transf_matrix[1][1]   0.02718426 
_atom_sites.fract_transf_matrix[1][2]   -0.01371819 
_atom_sites.fract_transf_matrix[1][3]   -0.02442934 
_atom_sites.fract_transf_matrix[2][1]   0.00925472 
_atom_sites.fract_transf_matrix[2][2]   0.02542699 
_atom_sites.fract_transf_matrix[2][3]   -0.00398004 
_atom_sites.fract_transf_matrix[3][1]   0.01195083 
_atom_sites.fract_transf_matrix[3][2]   -0.00208491 
_atom_sites.fract_transf_matrix[3][3]   0.01446931 
_atom_sites.fract_transf_vector[1]      0.346147 
_atom_sites.fract_transf_vector[2]      0.442205 
_atom_sites.fract_transf_vector[3]      0.296692 
# 
loop_
_atom_type.symbol 
C 
N 
O 
P 
# 
loop_
_atom_site.group_PDB 
_atom_site.id 
_atom_site.type_symbol 
_atom_site.label_atom_id 
_atom_site.label_alt_id 
_atom_site.label_comp_id 
_atom_site.label_asym_id 
_atom_site.label_entity_id 
_atom_site.label_seq_id 
_atom_site.pdbx_PDB_ins_code 
_atom_site.Cartn_x 
_atom_site.Cartn_y 
_atom_site.Cartn_z 
_atom_site.occupancy 
_atom_site.B_iso_or_equiv 
_atom_site.pdbx_formal_charge 
_atom_site.auth_seq_id 
_atom_site.auth_comp_id 
_atom_site.auth_asym_id 
_atom_site.auth_atom_id 
_atom_site.pdbx_PDB_model_num 
ATOM   1   O "O5'" . DG  A 1 1  ? -6.524  -8.441  -22.853 1.00 41.60 ? 1   DG  A "O5'" 1 
ATOM   2   C "C5'" . DG  A 1 1  ? -5.931  -7.966  -21.610 1.00 32.46 ? 1   DG  A "C5'" 1 
ATOM   3   C "C4'" . DG  A 1 1  ? -6.587  -8.646  -20.431 1.00 29.14 ? 1   DG  A "C4'" 1 
ATOM   4   O "O4'" . DG  A 1 1  ? -6.369  -10.041 -20.417 1.00 24.87 ? 1   DG  A "O4'" 1 
ATOM   5   C "C3'" . DG  A 1 1  ? -6.140  -8.125  -19.058 1.00 29.64 ? 1   DG  A "C3'" 1 
ATOM   6   O "O3'" . DG  A 1 1  ? -7.278  -7.664  -18.318 1.00 34.02 ? 1   DG  A "O3'" 1 
ATOM   7   C "C2'" . DG  A 1 1  ? -5.456  -9.309  -18.418 1.00 27.32 ? 1   DG  A "C2'" 1 
ATOM   8   C "C1'" . DG  A 1 1  ? -6.157  -10.515 -19.061 1.00 22.29 ? 1   DG  A "C1'" 1 
ATOM   9   N N9    . DG  A 1 1  ? -5.393  -11.727 -19.219 1.00 16.79 ? 1   DG  A N9    1 
ATOM   10  C C8    . DG  A 1 1  ? -4.108  -11.851 -19.711 1.00 14.05 ? 1   DG  A C8    1 
ATOM   11  N N7    . DG  A 1 1  ? -3.663  -13.081 -19.723 1.00 14.57 ? 1   DG  A N7    1 
ATOM   12  C C5    . DG  A 1 1  ? -4.727  -13.818 -19.202 1.00 14.65 ? 1   DG  A C5    1 
ATOM   13  C C6    . DG  A 1 1  ? -4.862  -15.212 -19.035 1.00 14.16 ? 1   DG  A C6    1 
ATOM   14  O O6    . DG  A 1 1  ? -4.024  -16.077 -19.281 1.00 19.69 ? 1   DG  A O6    1 
ATOM   15  N N1    . DG  A 1 1  ? -6.105  -15.580 -18.525 1.00 12.94 ? 1   DG  A N1    1 
ATOM   16  C C2    . DG  A 1 1  ? -7.115  -14.692 -18.239 1.00 12.78 ? 1   DG  A C2    1 
ATOM   17  N N2    . DG  A 1 1  ? -8.233  -15.218 -17.756 1.00 13.30 ? 1   DG  A N2    1 
ATOM   18  N N3    . DG  A 1 1  ? -7.007  -13.389 -18.427 1.00 13.93 ? 1   DG  A N3    1 
ATOM   19  C C4    . DG  A 1 1  ? -5.797  -13.011 -18.898 1.00 14.27 ? 1   DG  A C4    1 
ATOM   20  P P     . DG  A 1 2  ? -7.221  -6.377  -17.333 1.00 31.57 ? 2   DG  A P     1 
ATOM   21  O OP1   . DG  A 1 2  ? -8.318  -5.429  -17.719 1.00 38.16 ? 2   DG  A OP1   1 
ATOM   22  O OP2   . DG  A 1 2  ? -5.866  -5.831  -17.506 1.00 30.33 ? 2   DG  A OP2   1 
ATOM   23  O "O5'" . DG  A 1 2  ? -7.560  -7.073  -15.929 1.00 26.45 ? 2   DG  A "O5'" 1 
ATOM   24  C "C5'" . DG  A 1 2  ? -8.916  -7.611  -15.829 1.00 23.12 ? 2   DG  A "C5'" 1 
ATOM   25  C "C4'" . DG  A 1 2  ? -8.826  -8.520  -14.609 1.00 21.16 ? 2   DG  A "C4'" 1 
ATOM   26  O "O4'" . DG  A 1 2  ? -8.124  -9.694  -14.988 1.00 19.29 ? 2   DG  A "O4'" 1 
ATOM   27  C "C3'" . DG  A 1 2  ? -8.085  -7.910  -13.436 1.00 18.47 ? 2   DG  A "C3'" 1 
ATOM   28  O "O3'" . DG  A 1 2  ? -8.664  -8.223  -12.162 1.00 18.35 ? 2   DG  A "O3'" 1 
ATOM   29  C "C2'" . DG  A 1 2  ? -6.701  -8.543  -13.518 1.00 18.45 ? 2   DG  A "C2'" 1 
ATOM   30  C "C1'" . DG  A 1 2  ? -7.084  -9.934  -14.047 1.00 16.47 ? 2   DG  A "C1'" 1 
ATOM   31  N N9    . DG  A 1 2  ? -6.043  -10.681 -14.692 1.00 13.90 ? 2   DG  A N9    1 
ATOM   32  C C8    . DG  A 1 2  ? -4.832  -10.250 -15.176 1.00 14.56 ? 2   DG  A C8    1 
ATOM   33  N N7    . DG  A 1 2  ? -4.094  -11.197 -15.669 1.00 13.54 ? 2   DG  A N7    1 
ATOM   34  C C5    . DG  A 1 2  ? -4.817  -12.359 -15.402 1.00 13.69 ? 2   DG  A C5    1 
ATOM   35  C C6    . DG  A 1 2  ? -4.516  -13.719 -15.641 1.00 13.05 ? 2   DG  A C6    1 
ATOM   36  O O6    . DG  A 1 2  ? -3.543  -14.263 -16.173 1.00 14.99 ? 2   DG  A O6    1 
ATOM   37  N N1    . DG  A 1 2  ? -5.563  -14.525 -15.214 1.00 16.02 ? 2   DG  A N1    1 
ATOM   38  C C2    . DG  A 1 2  ? -6.723  -14.124 -14.603 1.00 16.52 ? 2   DG  A C2    1 
ATOM   39  N N2    . DG  A 1 2  ? -7.607  -15.084 -14.278 1.00 15.78 ? 2   DG  A N2    1 
ATOM   40  N N3    . DG  A 1 2  ? -7.017  -12.850 -14.341 1.00 16.52 ? 2   DG  A N3    1 
ATOM   41  C C4    . DG  A 1 2  ? -6.007  -12.053 -14.785 1.00 15.27 ? 2   DG  A C4    1 
ATOM   42  P P     . DC  A 1 3  ? -9.906  -7.329  -11.630 1.00 21.84 ? 3   DC  A P     1 
ATOM   43  O OP1   . DC  A 1 3  ? -10.511 -8.236  -10.633 1.00 24.15 ? 3   DC  A OP1   1 
ATOM   44  O OP2   . DC  A 1 3  ? -10.728 -6.962  -12.817 1.00 28.34 ? 3   DC  A OP2   1 
ATOM   45  O "O5'" . DC  A 1 3  ? -9.176  -6.037  -11.028 1.00 23.14 ? 3   DC  A "O5'" 1 
ATOM   46  C "C5'" . DC  A 1 3  ? -7.921  -6.196  -10.331 1.00 20.12 ? 3   DC  A "C5'" 1 
ATOM   47  C "C4'" . DC  A 1 3  ? -6.979  -5.127  -10.865 1.00 20.65 ? 3   DC  A "C4'" 1 
ATOM   48  O "O4'" . DC  A 1 3  ? -7.548  -3.854  -10.716 1.00 20.71 ? 3   DC  A "O4'" 1 
ATOM   49  C "C3'" . DC  A 1 3  ? -5.641  -5.101  -10.128 1.00 22.34 ? 3   DC  A "C3'" 1 
ATOM   50  O "O3'" . DC  A 1 3  ? -4.618  -5.757  -10.861 1.00 27.14 ? 3   DC  A "O3'" 1 
ATOM   51  C "C2'" . DC  A 1 3  ? -5.309  -3.620  -9.977  1.00 22.14 ? 3   DC  A "C2'" 1 
ATOM   52  C "C1'" . DC  A 1 3  ? -6.507  -2.864  -10.470 1.00 18.32 ? 3   DC  A "C1'" 1 
ATOM   53  N N1    . DC  A 1 3  ? -7.039  -1.874  -9.586  1.00 15.45 ? 3   DC  A N1    1 
ATOM   54  C C2    . DC  A 1 3  ? -6.733  -0.535  -9.903  1.00 13.73 ? 3   DC  A C2    1 
ATOM   55  O O2    . DC  A 1 3  ? -6.035  -0.322  -10.890 1.00 15.30 ? 3   DC  A O2    1 
ATOM   56  N N3    . DC  A 1 3  ? -7.200  0.459   -9.114  1.00 10.07 ? 3   DC  A N3    1 
ATOM   57  C C4    . DC  A 1 3  ? -7.934  0.171   -8.039  1.00 11.84 ? 3   DC  A C4    1 
ATOM   58  N N4    . DC  A 1 3  ? -8.383  1.205   -7.313  1.00 13.10 ? 3   DC  A N4    1 
ATOM   59  C C5    . DC  A 1 3  ? -8.271  -1.184  -7.699  1.00 14.07 ? 3   DC  A C5    1 
ATOM   60  C C6    . DC  A 1 3  ? -7.798  -2.159  -8.488  1.00 13.14 ? 3   DC  A C6    1 
ATOM   61  P P     . DC  A 1 4  ? -3.405  -6.573  -10.203 1.00 32.06 ? 4   DC  A P     1 
ATOM   62  O OP1   . DC  A 1 4  ? -2.671  -7.362  -11.227 1.00 42.48 ? 4   DC  A OP1   1 
ATOM   63  O OP2   . DC  A 1 4  ? -4.042  -7.397  -9.167  1.00 36.16 ? 4   DC  A OP2   1 
ATOM   64  O "O5'" . DC  A 1 4  ? -2.480  -5.388  -9.614  1.00 29.05 ? 4   DC  A "O5'" 1 
ATOM   65  C "C5'" . DC  A 1 4  ? -1.904  -4.413  -10.505 1.00 23.71 ? 4   DC  A "C5'" 1 
ATOM   66  C "C4'" . DC  A 1 4  ? -1.292  -3.321  -9.645  1.00 18.96 ? 4   DC  A "C4'" 1 
ATOM   67  O "O4'" . DC  A 1 4  ? -2.355  -2.542  -9.157  1.00 19.00 ? 4   DC  A "O4'" 1 
ATOM   68  C "C3'" . DC  A 1 4  ? -0.478  -3.747  -8.434  1.00 19.77 ? 4   DC  A "C3'" 1 
ATOM   69  O "O3'" . DC  A 1 4  ? 0.656   -2.904  -8.222  1.00 25.78 ? 4   DC  A "O3'" 1 
ATOM   70  C "C2'" . DC  A 1 4  ? -1.451  -3.530  -7.256  1.00 16.89 ? 4   DC  A "C2'" 1 
ATOM   71  C "C1'" . DC  A 1 4  ? -2.067  -2.234  -7.782  1.00 19.68 ? 4   DC  A "C1'" 1 
ATOM   72  N N1    . DC  A 1 4  ? -3.240  -1.801  -7.098  1.00 18.89 ? 4   DC  A N1    1 
ATOM   73  C C2    . DC  A 1 4  ? -3.541  -0.447  -7.245  1.00 17.12 ? 4   DC  A C2    1 
ATOM   74  O O2    . DC  A 1 4  ? -2.800  0.236   -7.956  1.00 21.23 ? 4   DC  A O2    1 
ATOM   75  N N3    . DC  A 1 4  ? -4.622  0.044   -6.604  1.00 16.63 ? 4   DC  A N3    1 
ATOM   76  C C4    . DC  A 1 4  ? -5.415  -0.752  -5.895  1.00 15.34 ? 4   DC  A C4    1 
ATOM   77  N N4    . DC  A 1 4  ? -6.472  -0.153  -5.324  1.00 18.19 ? 4   DC  A N4    1 
ATOM   78  C C5    . DC  A 1 4  ? -5.127  -2.126  -5.740  1.00 17.66 ? 4   DC  A C5    1 
ATOM   79  C C6    . DC  A 1 4  ? -4.038  -2.615  -6.357  1.00 19.36 ? 4   DC  A C6    1 
ATOM   80  P P     . DA  A 1 5  ? 2.180   -3.292  -8.463  1.00 31.06 ? 5   DA  A P     1 
ATOM   81  O OP1   . DA  A 1 5  ? 2.291   -4.164  -9.684  1.00 36.98 ? 5   DA  A OP1   1 
ATOM   82  O OP2   . DA  A 1 5  ? 2.549   -4.014  -7.217  1.00 35.94 ? 5   DA  A OP2   1 
ATOM   83  O "O5'" . DA  A 1 5  ? 2.907   -1.895  -8.663  1.00 30.57 ? 5   DA  A "O5'" 1 
ATOM   84  C "C5'" . DA  A 1 5  ? 2.390   -0.976  -9.659  1.00 31.64 ? 5   DA  A "C5'" 1 
ATOM   85  C "C4'" . DA  A 1 5  ? 2.576   0.428   -9.130  1.00 33.69 ? 5   DA  A "C4'" 1 
ATOM   86  O "O4'" . DA  A 1 5  ? 1.501   0.799   -8.294  1.00 36.63 ? 5   DA  A "O4'" 1 
ATOM   87  C "C3'" . DA  A 1 5  ? 3.837   0.670   -8.283  1.00 32.41 ? 5   DA  A "C3'" 1 
ATOM   88  O "O3'" . DA  A 1 5  ? 4.224   2.022   -8.377  1.00 32.58 ? 5   DA  A "O3'" 1 
ATOM   89  C "C2'" . DA  A 1 5  ? 3.336   0.273   -6.896  1.00 33.19 ? 5   DA  A "C2'" 1 
ATOM   90  C "C1'" . DA  A 1 5  ? 1.957   0.936   -6.912  1.00 33.75 ? 5   DA  A "C1'" 1 
ATOM   91  N N9    . DA  A 1 5  ? 0.821   0.463   -6.093  1.00 28.98 ? 5   DA  A N9    1 
ATOM   92  C C8    . DA  A 1 5  ? 0.625   -0.847  -5.810  1.00 30.70 ? 5   DA  A C8    1 
ATOM   93  N N7    . DA  A 1 5  ? -0.430  -1.068  -5.054  1.00 31.90 ? 5   DA  A N7    1 
ATOM   94  C C5    . DA  A 1 5  ? -0.952  0.191   -4.826  1.00 30.61 ? 5   DA  A C5    1 
ATOM   95  C C6    . DA  A 1 5  ? -2.078  0.629   -4.110  1.00 30.03 ? 5   DA  A C6    1 
ATOM   96  N N6    . DA  A 1 5  ? -2.918  -0.181  -3.450  1.00 21.58 ? 5   DA  A N6    1 
ATOM   97  N N1    . DA  A 1 5  ? -2.302  1.962   -4.077  1.00 30.69 ? 5   DA  A N1    1 
ATOM   98  C C2    . DA  A 1 5  ? -1.475  2.771   -4.729  1.00 27.79 ? 5   DA  A C2    1 
ATOM   99  N N3    . DA  A 1 5  ? -0.403  2.464   -5.439  1.00 27.76 ? 5   DA  A N3    1 
ATOM   100 C C4    . DA  A 1 5  ? -0.178  1.149   -5.447  1.00 27.54 ? 5   DA  A C4    1 
ATOM   101 P P     . DA  A 1 6  ? 5.485   2.721   -7.678  1.00 34.45 ? 6   DA  A P     1 
ATOM   102 O OP1   . DA  A 1 6  ? 6.227   3.505   -8.733  1.00 41.28 ? 6   DA  A OP1   1 
ATOM   103 O OP2   . DA  A 1 6  ? 6.296   1.601   -7.124  1.00 26.08 ? 6   DA  A OP2   1 
ATOM   104 O "O5'" . DA  A 1 6  ? 4.886   3.658   -6.567  1.00 29.65 ? 6   DA  A "O5'" 1 
ATOM   105 C "C5'" . DA  A 1 6  ? 3.891   4.667   -6.900  1.00 31.79 ? 6   DA  A "C5'" 1 
ATOM   106 C "C4'" . DA  A 1 6  ? 3.336   5.008   -5.521  1.00 33.78 ? 6   DA  A "C4'" 1 
ATOM   107 O "O4'" . DA  A 1 6  ? 2.696   3.869   -4.976  1.00 31.47 ? 6   DA  A "O4'" 1 
ATOM   108 C "C3'" . DA  A 1 6  ? 4.428   5.407   -4.514  1.00 35.88 ? 6   DA  A "C3'" 1 
ATOM   109 O "O3'" . DA  A 1 6  ? 4.320   6.784   -4.196  1.00 38.68 ? 6   DA  A "O3'" 1 
ATOM   110 C "C2'" . DA  A 1 6  ? 4.214   4.469   -3.327  1.00 35.52 ? 6   DA  A "C2'" 1 
ATOM   111 C "C1'" . DA  A 1 6  ? 2.742   4.081   -3.520  1.00 32.06 ? 6   DA  A "C1'" 1 
ATOM   112 N N9    . DA  A 1 6  ? 2.127   2.855   -2.975  1.00 27.23 ? 6   DA  A N9    1 
ATOM   113 C C8    . DA  A 1 6  ? 2.685   1.623   -3.150  1.00 25.33 ? 6   DA  A C8    1 
ATOM   114 N N7    . DA  A 1 6  ? 1.972   0.659   -2.618  1.00 23.31 ? 6   DA  A N7    1 
ATOM   115 C C5    . DA  A 1 6  ? 0.888   1.325   -2.081  1.00 21.49 ? 6   DA  A C5    1 
ATOM   116 C C6    . DA  A 1 6  ? -0.241  0.838   -1.378  1.00 19.56 ? 6   DA  A C6    1 
ATOM   117 N N6    . DA  A 1 6  ? -0.359  -0.474  -1.145  1.00 17.40 ? 6   DA  A N6    1 
ATOM   118 N N1    . DA  A 1 6  ? -1.136  1.749   -1.008  1.00 20.20 ? 6   DA  A N1    1 
ATOM   119 C C2    . DA  A 1 6  ? -0.951  3.049   -1.294  1.00 22.16 ? 6   DA  A C2    1 
ATOM   120 N N3    . DA  A 1 6  ? 0.066   3.622   -1.954  1.00 22.14 ? 6   DA  A N3    1 
ATOM   121 C C4    . DA  A 1 6  ? 0.939   2.671   -2.320  1.00 21.92 ? 6   DA  A C4    1 
ATOM   122 P P     . DT  A 1 7  ? 5.073   7.545   -3.009  1.00 42.18 ? 7   DT  A P     1 
ATOM   123 O OP1   . DT  A 1 7  ? 5.076   9.014   -3.293  1.00 37.21 ? 7   DT  A OP1   1 
ATOM   124 O OP2   . DT  A 1 7  ? 6.397   6.905   -2.916  1.00 42.85 ? 7   DT  A OP2   1 
ATOM   125 O "O5'" . DT  A 1 7  ? 4.122   7.295   -1.734  1.00 41.56 ? 7   DT  A "O5'" 1 
ATOM   126 C "C5'" . DT  A 1 7  ? 3.138   8.351   -1.474  1.00 38.30 ? 7   DT  A "C5'" 1 
ATOM   127 C "C4'" . DT  A 1 7  ? 2.284   7.775   -0.366  1.00 35.08 ? 7   DT  A "C4'" 1 
ATOM   128 O "O4'" . DT  A 1 7  ? 2.334   6.352   -0.395  1.00 33.18 ? 7   DT  A "O4'" 1 
ATOM   129 C "C3'" . DT  A 1 7  ? 2.725   8.170   1.047   1.00 32.68 ? 7   DT  A "C3'" 1 
ATOM   130 O "O3'" . DT  A 1 7  ? 1.856   9.191   1.524   1.00 34.79 ? 7   DT  A "O3'" 1 
ATOM   131 C "C2'" . DT  A 1 7  ? 2.629   6.882   1.841   1.00 31.65 ? 7   DT  A "C2'" 1 
ATOM   132 C "C1'" . DT  A 1 7  ? 1.822   5.942   0.902   1.00 30.80 ? 7   DT  A "C1'" 1 
ATOM   133 N N1    . DT  A 1 7  ? 2.029   4.565   0.867   1.00 27.10 ? 7   DT  A N1    1 
ATOM   134 C C2    . DT  A 1 7  ? 0.987   3.785   1.341   1.00 26.90 ? 7   DT  A C2    1 
ATOM   135 O O2    . DT  A 1 7  ? -0.052  4.242   1.759   1.00 27.46 ? 7   DT  A O2    1 
ATOM   136 N N3    . DT  A 1 7  ? 1.186   2.417   1.312   1.00 24.46 ? 7   DT  A N3    1 
ATOM   137 C C4    . DT  A 1 7  ? 2.315   1.787   0.858   1.00 24.32 ? 7   DT  A C4    1 
ATOM   138 O O4    . DT  A 1 7  ? 2.442   0.575   0.852   1.00 24.77 ? 7   DT  A O4    1 
ATOM   139 C C5    . DT  A 1 7  ? 3.363   2.658   0.362   1.00 24.81 ? 7   DT  A C5    1 
ATOM   140 C C7    . DT  A 1 7  ? 4.638   2.015   -0.143  1.00 25.51 ? 7   DT  A C7    1 
ATOM   141 C C6    . DT  A 1 7  ? 3.181   3.970   0.387   1.00 26.13 ? 7   DT  A C6    1 
ATOM   142 P P     . DT  A 1 8  ? 2.020   9.890   2.959   1.00 36.79 ? 8   DT  A P     1 
ATOM   143 O OP1   . DT  A 1 8  ? 1.309   11.200  3.004   1.00 48.18 ? 8   DT  A OP1   1 
ATOM   144 O OP2   . DT  A 1 8  ? 3.496   9.957   3.091   1.00 25.93 ? 8   DT  A OP2   1 
ATOM   145 O "O5'" . DT  A 1 8  ? 1.345   8.884   3.999   1.00 32.77 ? 8   DT  A "O5'" 1 
ATOM   146 C "C5'" . DT  A 1 8  ? -0.049  8.516   3.876   1.00 27.47 ? 8   DT  A "C5'" 1 
ATOM   147 C "C4'" . DT  A 1 8  ? -0.231  7.423   4.908   1.00 21.61 ? 8   DT  A "C4'" 1 
ATOM   148 O "O4'" . DT  A 1 8  ? 0.544   6.300   4.568   1.00 20.36 ? 8   DT  A "O4'" 1 
ATOM   149 C "C3'" . DT  A 1 8  ? 0.191   7.795   6.326   1.00 18.88 ? 8   DT  A "C3'" 1 
ATOM   150 O "O3'" . DT  A 1 8  ? -0.937  8.107   7.122   1.00 19.39 ? 8   DT  A "O3'" 1 
ATOM   151 C "C2'" . DT  A 1 8  ? 0.931   6.575   6.836   1.00 17.54 ? 8   DT  A "C2'" 1 
ATOM   152 C "C1'" . DT  A 1 8  ? 0.624   5.497   5.818   1.00 19.55 ? 8   DT  A "C1'" 1 
ATOM   153 N N1    . DT  A 1 8  ? 1.557   4.557   5.356   1.00 18.17 ? 8   DT  A N1    1 
ATOM   154 C C2    . DT  A 1 8  ? 1.173   3.234   5.466   1.00 19.25 ? 8   DT  A C2    1 
ATOM   155 O O2    . DT  A 1 8  ? 0.090   2.913   5.932   1.00 19.86 ? 8   DT  A O2    1 
ATOM   156 N N3    . DT  A 1 8  ? 2.091   2.311   5.004   1.00 16.62 ? 8   DT  A N3    1 
ATOM   157 C C4    . DT  A 1 8  ? 3.325   2.618   4.464   1.00 17.60 ? 8   DT  A C4    1 
ATOM   158 O O4    . DT  A 1 8  ? 4.112   1.755   4.098   1.00 27.10 ? 8   DT  A O4    1 
ATOM   159 C C5    . DT  A 1 8  ? 3.650   4.028   4.382   1.00 16.82 ? 8   DT  A C5    1 
ATOM   160 C C7    . DT  A 1 8  ? 4.996   4.426   3.815   1.00 22.22 ? 8   DT  A C7    1 
ATOM   161 C C6    . DT  A 1 8  ? 2.778   4.925   4.824   1.00 15.14 ? 8   DT  A C6    1 
ATOM   162 P P     . DG  A 1 9  ? -0.998  8.571   8.622   1.00 22.45 ? 9   DG  A P     1 
ATOM   163 O OP1   . DG  A 1 9  ? -2.301  9.254   8.910   1.00 23.82 ? 9   DG  A OP1   1 
ATOM   164 O OP2   . DG  A 1 9  ? 0.165   9.459   8.851   1.00 24.27 ? 9   DG  A OP2   1 
ATOM   165 O "O5'" . DG  A 1 9  ? -0.934  7.202   9.485   1.00 21.08 ? 9   DG  A "O5'" 1 
ATOM   166 C "C5'" . DG  A 1 9  ? -2.086  6.338   9.469   1.00 19.90 ? 9   DG  A "C5'" 1 
ATOM   167 C "C4'" . DG  A 1 9  ? -1.753  5.055   10.212  1.00 17.36 ? 9   DG  A "C4'" 1 
ATOM   168 O "O4'" . DG  A 1 9  ? -0.794  4.302   9.535   1.00 15.78 ? 9   DG  A "O4'" 1 
ATOM   169 C "C3'" . DG  A 1 9  ? -1.244  5.276   11.644  1.00 17.68 ? 9   DG  A "C3'" 1 
ATOM   170 O "O3'" . DG  A 1 9  ? -2.230  4.792   12.546  1.00 19.84 ? 9   DG  A "O3'" 1 
ATOM   171 C "C2'" . DG  A 1 9  ? 0.094   4.556   11.704  1.00 15.16 ? 9   DG  A "C2'" 1 
ATOM   172 C "C1'" . DG  A 1 9  ? -0.014  3.580   10.550  1.00 15.08 ? 9   DG  A "C1'" 1 
ATOM   173 N N9    . DG  A 1 9  ? 1.148   3.185   9.791   1.00 13.35 ? 9   DG  A N9    1 
ATOM   174 C C8    . DG  A 1 9  ? 2.094   3.984   9.219   1.00 15.50 ? 9   DG  A C8    1 
ATOM   175 N N7    . DG  A 1 9  ? 3.026   3.340   8.561   1.00 16.36 ? 9   DG  A N7    1 
ATOM   176 C C5    . DG  A 1 9  ? 2.631   2.016   8.731   1.00 15.10 ? 9   DG  A C5    1 
ATOM   177 C C6    . DG  A 1 9  ? 3.262   0.851   8.228   1.00 16.93 ? 9   DG  A C6    1 
ATOM   178 O O6    . DG  A 1 9  ? 4.260   0.889   7.520   1.00 15.99 ? 9   DG  A O6    1 
ATOM   179 N N1    . DG  A 1 9  ? 2.569   -0.316  8.583   1.00 15.81 ? 9   DG  A N1    1 
ATOM   180 C C2    . DG  A 1 9  ? 1.418   -0.322  9.331   1.00 14.13 ? 9   DG  A C2    1 
ATOM   181 N N2    . DG  A 1 9  ? 0.882   -1.546  9.580   1.00 11.26 ? 9   DG  A N2    1 
ATOM   182 N N3    . DG  A 1 9  ? 0.812   0.755   9.812   1.00 12.77 ? 9   DG  A N3    1 
ATOM   183 C C4    . DG  A 1 9  ? 1.482   1.893   9.465   1.00 15.14 ? 9   DG  A C4    1 
ATOM   184 P P     . DG  A 1 10 ? -2.071  4.762   14.144  1.00 23.89 ? 10  DG  A P     1 
ATOM   185 O OP1   . DG  A 1 10 ? -3.468  4.705   14.706  1.00 25.66 ? 10  DG  A OP1   1 
ATOM   186 O OP2   . DG  A 1 10 ? -1.282  5.928   14.506  1.00 20.47 ? 10  DG  A OP2   1 
ATOM   187 O "O5'" . DG  A 1 10 ? -1.328  3.362   14.437  1.00 20.89 ? 10  DG  A "O5'" 1 
ATOM   188 C "C5'" . DG  A 1 10 ? -2.026  2.121   14.084  1.00 17.85 ? 10  DG  A "C5'" 1 
ATOM   189 C "C4'" . DG  A 1 10 ? -0.968  1.078   14.397  1.00 19.71 ? 10  DG  A "C4'" 1 
ATOM   190 O "O4'" . DG  A 1 10 ? 0.012   1.172   13.368  1.00 19.31 ? 10  DG  A "O4'" 1 
ATOM   191 C "C3'" . DG  A 1 10 ? -0.221  1.216   15.713  1.00 21.89 ? 10  DG  A "C3'" 1 
ATOM   192 O "O3'" . DG  A 1 10 ? -0.451  0.158   16.667  1.00 27.29 ? 10  DG  A "O3'" 1 
ATOM   193 C "C2'" . DG  A 1 10 ? 1.263   1.164   15.332  1.00 20.47 ? 10  DG  A "C2'" 1 
ATOM   194 C "C1'" . DG  A 1 10 ? 1.211   0.617   13.899  1.00 17.40 ? 10  DG  A "C1'" 1 
ATOM   195 N N9    . DG  A 1 10 ? 2.320   0.980   13.048  1.00 13.70 ? 10  DG  A N9    1 
ATOM   196 C C8    . DG  A 1 10 ? 2.877   2.238   12.895  1.00 12.04 ? 10  DG  A C8    1 
ATOM   197 N N7    . DG  A 1 10 ? 3.897   2.223   12.092  1.00 13.28 ? 10  DG  A N7    1 
ATOM   198 C C5    . DG  A 1 10 ? 4.099   0.878   11.804  1.00 14.54 ? 10  DG  A C5    1 
ATOM   199 C C6    . DG  A 1 10 ? 5.045   0.257   10.975  1.00 13.29 ? 10  DG  A C6    1 
ATOM   200 O O6    . DG  A 1 10 ? 5.986   0.769   10.347  1.00 15.79 ? 10  DG  A O6    1 
ATOM   201 N N1    . DG  A 1 10 ? 4.865   -1.119  10.927  1.00 14.09 ? 10  DG  A N1    1 
ATOM   202 C C2    . DG  A 1 10 ? 3.869   -1.819  11.574  1.00 16.71 ? 10  DG  A C2    1 
ATOM   203 N N2    . DG  A 1 10 ? 3.855   -3.157  11.377  1.00 13.96 ? 10  DG  A N2    1 
ATOM   204 N N3    . DG  A 1 10 ? 2.942   -1.242  12.311  1.00 15.56 ? 10  DG  A N3    1 
ATOM   205 C C4    . DG  A 1 10 ? 3.124   0.101   12.388  1.00 14.75 ? 10  DG  A C4    1 
ATOM   206 O "O5'" . DG  B 1 1  ? 18.009  3.326   8.105   1.00 35.04 ? 11  DG  B "O5'" 1 
ATOM   207 C "C5'" . DG  B 1 1  ? 18.868  2.161   8.109   1.00 30.01 ? 11  DG  B "C5'" 1 
ATOM   208 C "C4'" . DG  B 1 1  ? 17.937  0.988   8.317   1.00 27.42 ? 11  DG  B "C4'" 1 
ATOM   209 O "O4'" . DG  B 1 1  ? 17.056  1.229   9.390   1.00 23.94 ? 11  DG  B "O4'" 1 
ATOM   210 C "C3'" . DG  B 1 1  ? 17.085  0.700   7.089   1.00 26.68 ? 11  DG  B "C3'" 1 
ATOM   211 O "O3'" . DG  B 1 1  ? 17.064  -0.700  6.806   1.00 26.64 ? 11  DG  B "O3'" 1 
ATOM   212 C "C2'" . DG  B 1 1  ? 15.707  1.250   7.455   1.00 25.08 ? 11  DG  B "C2'" 1 
ATOM   213 C "C1'" . DG  B 1 1  ? 15.675  1.030   8.962   1.00 23.97 ? 11  DG  B "C1'" 1 
ATOM   214 N N9    . DG  B 1 1  ? 14.906  1.922   9.791   1.00 22.26 ? 11  DG  B N9    1 
ATOM   215 C C8    . DG  B 1 1  ? 14.946  3.297   9.802   1.00 20.25 ? 11  DG  B C8    1 
ATOM   216 N N7    . DG  B 1 1  ? 14.147  3.846   10.676  1.00 19.09 ? 11  DG  B N7    1 
ATOM   217 C C5    . DG  B 1 1  ? 13.557  2.765   11.304  1.00 19.23 ? 11  DG  B C5    1 
ATOM   218 C C6    . DG  B 1 1  ? 12.611  2.763   12.356  1.00 19.51 ? 11  DG  B C6    1 
ATOM   219 O O6    . DG  B 1 1  ? 12.129  3.764   12.912  1.00 18.23 ? 11  DG  B O6    1 
ATOM   220 N N1    . DG  B 1 1  ? 12.241  1.478   12.715  1.00 19.84 ? 11  DG  B N1    1 
ATOM   221 C C2    . DG  B 1 1  ? 12.758  0.334   12.128  1.00 19.07 ? 11  DG  B C2    1 
ATOM   222 N N2    . DG  B 1 1  ? 12.284  -0.837  12.613  1.00 19.50 ? 11  DG  B N2    1 
ATOM   223 N N3    . DG  B 1 1  ? 13.654  0.320   11.162  1.00 18.34 ? 11  DG  B N3    1 
ATOM   224 C C4    . DG  B 1 1  ? 14.019  1.574   10.785  1.00 21.86 ? 11  DG  B C4    1 
ATOM   225 P P     . DG  B 1 2  ? 16.469  -1.230  5.426   1.00 30.52 ? 12  DG  B P     1 
ATOM   226 O OP1   . DG  B 1 2  ? 17.590  -2.023  4.882   1.00 33.59 ? 12  DG  B OP1   1 
ATOM   227 O OP2   . DG  B 1 2  ? 16.007  -0.127  4.513   1.00 22.29 ? 12  DG  B OP2   1 
ATOM   228 O "O5'" . DG  B 1 2  ? 15.183  -2.078  5.875   1.00 29.48 ? 12  DG  B "O5'" 1 
ATOM   229 C "C5'" . DG  B 1 2  ? 15.313  -3.023  6.977   1.00 26.28 ? 12  DG  B "C5'" 1 
ATOM   230 C "C4'" . DG  B 1 2  ? 13.899  -3.468  7.322   1.00 24.74 ? 12  DG  B "C4'" 1 
ATOM   231 O "O4'" . DG  B 1 2  ? 13.302  -2.461  8.132   1.00 20.91 ? 12  DG  B "O4'" 1 
ATOM   232 C "C3'" . DG  B 1 2  ? 12.968  -3.705  6.138   1.00 23.80 ? 12  DG  B "C3'" 1 
ATOM   233 O "O3'" . DG  B 1 2  ? 12.105  -4.816  6.309   1.00 25.41 ? 12  DG  B "O3'" 1 
ATOM   234 C "C2'" . DG  B 1 2  ? 12.213  -2.347  6.080   1.00 20.35 ? 12  DG  B "C2'" 1 
ATOM   235 C "C1'" . DG  B 1 2  ? 12.004  -2.168  7.577   1.00 18.43 ? 12  DG  B "C1'" 1 
ATOM   236 N N9    . DG  B 1 2  ? 11.620  -0.886  8.103   1.00 16.97 ? 12  DG  B N9    1 
ATOM   237 C C8    . DG  B 1 2  ? 11.969  0.347   7.598   1.00 14.30 ? 12  DG  B C8    1 
ATOM   238 N N7    . DG  B 1 2  ? 11.480  1.316   8.328   1.00 15.20 ? 12  DG  B N7    1 
ATOM   239 C C5    . DG  B 1 2  ? 10.746  0.699   9.308   1.00 12.17 ? 12  DG  B C5    1 
ATOM   240 C C6    . DG  B 1 2  ? 9.947   1.274   10.323  1.00 15.65 ? 12  DG  B C6    1 
ATOM   241 O O6    . DG  B 1 2  ? 9.807   2.505   10.528  1.00 18.41 ? 12  DG  B O6    1 
ATOM   242 N N1    . DG  B 1 2  ? 9.365   0.317   11.157  1.00 14.75 ? 12  DG  B N1    1 
ATOM   243 C C2    . DG  B 1 2  ? 9.520   -1.051  10.952  1.00 15.18 ? 12  DG  B C2    1 
ATOM   244 N N2    . DG  B 1 2  ? 8.896   -1.872  11.824  1.00 15.71 ? 12  DG  B N2    1 
ATOM   245 N N3    . DG  B 1 2  ? 10.243  -1.591  9.984   1.00 16.79 ? 12  DG  B N3    1 
ATOM   246 C C4    . DG  B 1 2  ? 10.826  -0.666  9.184   1.00 14.27 ? 12  DG  B C4    1 
ATOM   247 P P     . DC  B 1 3  ? 11.586  -5.789  5.135   1.00 34.00 ? 13  DC  B P     1 
ATOM   248 O OP1   . DC  B 1 3  ? 12.704  -6.665  4.635   1.00 30.15 ? 13  DC  B OP1   1 
ATOM   249 O OP2   . DC  B 1 3  ? 11.067  -4.882  4.068   1.00 30.36 ? 13  DC  B OP2   1 
ATOM   250 O "O5'" . DC  B 1 3  ? 10.430  -6.667  5.813   1.00 29.12 ? 13  DC  B "O5'" 1 
ATOM   251 C "C5'" . DC  B 1 3  ? 10.696  -7.401  7.028   1.00 23.20 ? 13  DC  B "C5'" 1 
ATOM   252 C "C4'" . DC  B 1 3  ? 9.395   -7.475  7.817   1.00 17.95 ? 13  DC  B "C4'" 1 
ATOM   253 O "O4'" . DC  B 1 3  ? 9.197   -6.273  8.492   1.00 17.37 ? 13  DC  B "O4'" 1 
ATOM   254 C "C3'" . DC  B 1 3  ? 8.160   -7.697  6.972   1.00 19.91 ? 13  DC  B "C3'" 1 
ATOM   255 O "O3'" . DC  B 1 3  ? 7.624   -9.035  7.134   1.00 29.50 ? 13  DC  B "O3'" 1 
ATOM   256 C "C2'" . DC  B 1 3  ? 7.140   -6.692  7.420   1.00 18.31 ? 13  DC  B "C2'" 1 
ATOM   257 C "C1'" . DC  B 1 3  ? 7.796   -5.920  8.546   1.00 18.78 ? 13  DC  B "C1'" 1 
ATOM   258 N N1    . DC  B 1 3  ? 7.715   -4.487  8.410   1.00 16.91 ? 13  DC  B N1    1 
ATOM   259 C C2    . DC  B 1 3  ? 6.891   -3.808  9.285   1.00 14.39 ? 13  DC  B C2    1 
ATOM   260 O O2    . DC  B 1 3  ? 6.220   -4.371  10.173  1.00 19.54 ? 13  DC  B O2    1 
ATOM   261 N N3    . DC  B 1 3  ? 6.808   -2.447  9.153   1.00 11.65 ? 13  DC  B N3    1 
ATOM   262 C C4    . DC  B 1 3  ? 7.511   -1.817  8.219   1.00 12.20 ? 13  DC  B C4    1 
ATOM   263 N N4    . DC  B 1 3  ? 7.351   -0.470  8.212   1.00 12.89 ? 13  DC  B N4    1 
ATOM   264 C C5    . DC  B 1 3  ? 8.361   -2.499  7.303   1.00 14.31 ? 13  DC  B C5    1 
ATOM   265 C C6    . DC  B 1 3  ? 8.442   -3.841  7.427   1.00 16.66 ? 13  DC  B C6    1 
ATOM   266 P P     . DC  B 1 4  ? 6.560   -9.495  6.000   1.00 38.09 ? 14  DC  B P     1 
ATOM   267 O OP1   . DC  B 1 4  ? 6.673   -10.951 5.731   1.00 42.05 ? 14  DC  B OP1   1 
ATOM   268 O OP2   . DC  B 1 4  ? 6.957   -8.696  4.791   1.00 36.03 ? 14  DC  B OP2   1 
ATOM   269 O "O5'" . DC  B 1 4  ? 5.147   -9.026  6.575   1.00 30.18 ? 14  DC  B "O5'" 1 
ATOM   270 C "C5'" . DC  B 1 4  ? 4.617   -9.419  7.846   1.00 24.19 ? 14  DC  B "C5'" 1 
ATOM   271 C "C4'" . DC  B 1 4  ? 3.359   -8.576  8.018   1.00 22.72 ? 14  DC  B "C4'" 1 
ATOM   272 O "O4'" . DC  B 1 4  ? 3.716   -7.232  8.198   1.00 21.00 ? 14  DC  B "O4'" 1 
ATOM   273 C "C3'" . DC  B 1 4  ? 2.390   -8.639  6.836   1.00 21.92 ? 14  DC  B "C3'" 1 
ATOM   274 O "O3'" . DC  B 1 4  ? 1.124   -9.115  7.248   1.00 25.27 ? 14  DC  B "O3'" 1 
ATOM   275 C "C2'" . DC  B 1 4  ? 2.316   -7.215  6.299   1.00 19.48 ? 14  DC  B "C2'" 1 
ATOM   276 C "C1'" . DC  B 1 4  ? 2.730   -6.388  7.520   1.00 21.11 ? 14  DC  B "C1'" 1 
ATOM   277 N N1    . DC  B 1 4  ? 3.359   -5.154  7.166   1.00 18.12 ? 14  DC  B N1    1 
ATOM   278 C C2    . DC  B 1 4  ? 2.900   -3.985  7.777   1.00 19.06 ? 14  DC  B C2    1 
ATOM   279 O O2    . DC  B 1 4  ? 1.973   -3.991  8.610   1.00 15.29 ? 14  DC  B O2    1 
ATOM   280 N N3    . DC  B 1 4  ? 3.518   -2.806  7.431   1.00 19.13 ? 14  DC  B N3    1 
ATOM   281 C C4    . DC  B 1 4  ? 4.502   -2.786  6.528   1.00 18.25 ? 14  DC  B C4    1 
ATOM   282 N N4    . DC  B 1 4  ? 5.079   -1.603  6.223   1.00 19.44 ? 14  DC  B N4    1 
ATOM   283 C C5    . DC  B 1 4  ? 4.998   -3.975  5.905   1.00 19.32 ? 14  DC  B C5    1 
ATOM   284 C C6    . DC  B 1 4  ? 4.381   -5.125  6.252   1.00 21.25 ? 14  DC  B C6    1 
ATOM   285 P P     . DA  B 1 5  ? -0.124  -9.491  6.307   1.00 25.40 ? 15  DA  B P     1 
ATOM   286 O OP1   . DA  B 1 5  ? -0.833  -10.650 6.958   1.00 26.64 ? 15  DA  B OP1   1 
ATOM   287 O OP2   . DA  B 1 5  ? 0.441   -9.828  4.998   1.00 28.29 ? 15  DA  B OP2   1 
ATOM   288 O "O5'" . DA  B 1 5  ? -1.032  -8.179  6.376   1.00 23.80 ? 15  DA  B "O5'" 1 
ATOM   289 C "C5'" . DA  B 1 5  ? -1.385  -7.743  7.722   1.00 26.36 ? 15  DA  B "C5'" 1 
ATOM   290 C "C4'" . DA  B 1 5  ? -1.929  -6.339  7.646   1.00 26.53 ? 15  DA  B "C4'" 1 
ATOM   291 O "O4'" . DA  B 1 5  ? -0.956  -5.393  7.250   1.00 22.37 ? 15  DA  B "O4'" 1 
ATOM   292 C "C3'" . DA  B 1 5  ? -3.108  -6.175  6.668   1.00 28.79 ? 15  DA  B "C3'" 1 
ATOM   293 O "O3'" . DA  B 1 5  ? -4.057  -5.301  7.250   1.00 32.74 ? 15  DA  B "O3'" 1 
ATOM   294 C "C2'" . DA  B 1 5  ? -2.428  -5.584  5.433   1.00 26.37 ? 15  DA  B "C2'" 1 
ATOM   295 C "C1'" . DA  B 1 5  ? -1.515  -4.578  6.177   1.00 24.12 ? 15  DA  B "C1'" 1 
ATOM   296 N N9    . DA  B 1 5  ? -0.368  -3.921  5.527   1.00 19.39 ? 15  DA  B N9    1 
ATOM   297 C C8    . DA  B 1 5  ? 0.429   -4.571  4.643   1.00 20.39 ? 15  DA  B C8    1 
ATOM   298 N N7    . DA  B 1 5  ? 1.417   -3.856  4.154   1.00 22.18 ? 15  DA  B N7    1 
ATOM   299 C C5    . DA  B 1 5  ? 1.217   -2.628  4.773   1.00 22.78 ? 15  DA  B C5    1 
ATOM   300 C C6    . DA  B 1 5  ? 1.936   -1.421  4.665   1.00 22.25 ? 15  DA  B C6    1 
ATOM   301 N N6    . DA  B 1 5  ? 3.014   -1.329  3.881   1.00 21.76 ? 15  DA  B N6    1 
ATOM   302 N N1    . DA  B 1 5  ? 1.502   -0.390  5.408   1.00 20.43 ? 15  DA  B N1    1 
ATOM   303 C C2    . DA  B 1 5  ? 0.433   -0.542  6.189   1.00 20.05 ? 15  DA  B C2    1 
ATOM   304 N N3    . DA  B 1 5  ? -0.322  -1.635  6.384   1.00 22.11 ? 15  DA  B N3    1 
ATOM   305 C C4    . DA  B 1 5  ? 0.124   -2.650  5.621   1.00 21.93 ? 15  DA  B C4    1 
ATOM   306 P P     . DA  B 1 6  ? -5.559  -5.103  6.716   1.00 34.24 ? 16  DA  B P     1 
ATOM   307 O OP1   . DA  B 1 6  ? -6.513  -5.808  7.613   1.00 45.14 ? 16  DA  B OP1   1 
ATOM   308 O OP2   . DA  B 1 6  ? -5.544  -5.640  5.339   1.00 29.07 ? 16  DA  B OP2   1 
ATOM   309 O "O5'" . DA  B 1 6  ? -5.670  -3.513  6.790   1.00 28.95 ? 16  DA  B "O5'" 1 
ATOM   310 C "C5'" . DA  B 1 6  ? -5.557  -2.784  8.012   1.00 27.82 ? 16  DA  B "C5'" 1 
ATOM   311 C "C4'" . DA  B 1 6  ? -5.542  -1.304  7.667   1.00 26.68 ? 16  DA  B "C4'" 1 
ATOM   312 O "O4'" . DA  B 1 6  ? -4.389  -0.970  6.932   1.00 25.49 ? 16  DA  B "O4'" 1 
ATOM   313 C "C3'" . DA  B 1 6  ? -6.755  -0.862  6.846   1.00 25.31 ? 16  DA  B "C3'" 1 
ATOM   314 O "O3'" . DA  B 1 6  ? -7.238  0.410   7.291   1.00 24.43 ? 16  DA  B "O3'" 1 
ATOM   315 C "C2'" . DA  B 1 6  ? -6.215  -0.838  5.421   1.00 24.35 ? 16  DA  B "C2'" 1 
ATOM   316 C "C1'" . DA  B 1 6  ? -4.748  -0.440  5.627   1.00 24.05 ? 16  DA  B "C1'" 1 
ATOM   317 N N9    . DA  B 1 6  ? -3.662  -0.896  4.723   1.00 17.76 ? 16  DA  B N9    1 
ATOM   318 C C8    . DA  B 1 6  ? -3.469  -2.179  4.373   1.00 18.76 ? 16  DA  B C8    1 
ATOM   319 N N7    . DA  B 1 6  ? -2.437  -2.352  3.557   1.00 19.53 ? 16  DA  B N7    1 
ATOM   320 C C5    . DA  B 1 6  ? -1.950  -1.071  3.380   1.00 21.55 ? 16  DA  B C5    1 
ATOM   321 C C6    . DA  B 1 6  ? -0.872  -0.549  2.634   1.00 21.58 ? 16  DA  B C6    1 
ATOM   322 N N6    . DA  B 1 6  ? -0.037  -1.283  1.898   1.00 19.75 ? 16  DA  B N6    1 
ATOM   323 N N1    . DA  B 1 6  ? -0.668  0.771   2.693   1.00 23.44 ? 16  DA  B N1    1 
ATOM   324 C C2    . DA  B 1 6  ? -1.469  1.548   3.428   1.00 23.51 ? 16  DA  B C2    1 
ATOM   325 N N3    . DA  B 1 6  ? -2.514  1.163   4.152   1.00 22.32 ? 16  DA  B N3    1 
ATOM   326 C C4    . DA  B 1 6  ? -2.680  -0.168  4.100   1.00 18.08 ? 16  DA  B C4    1 
ATOM   327 P P     . DT  B 1 7  ? -8.555  1.066   6.603   1.00 28.98 ? 17  DT  B P     1 
ATOM   328 O OP1   . DT  B 1 7  ? -9.254  1.874   7.616   1.00 31.70 ? 17  DT  B OP1   1 
ATOM   329 O OP2   . DT  B 1 7  ? -9.286  -0.102  6.060   1.00 26.78 ? 17  DT  B OP2   1 
ATOM   330 O "O5'" . DT  B 1 7  ? -7.885  1.943   5.445   1.00 29.27 ? 17  DT  B "O5'" 1 
ATOM   331 C "C5'" . DT  B 1 7  ? -6.907  2.950   5.824   1.00 25.88 ? 17  DT  B "C5'" 1 
ATOM   332 C "C4'" . DT  B 1 7  ? -6.379  3.498   4.520   1.00 21.87 ? 17  DT  B "C4'" 1 
ATOM   333 O "O4'" . DT  B 1 7  ? -5.635  2.532   3.832   1.00 22.39 ? 17  DT  B "O4'" 1 
ATOM   334 C "C3'" . DT  B 1 7  ? -7.480  3.924   3.537   1.00 23.98 ? 17  DT  B "C3'" 1 
ATOM   335 O "O3'" . DT  B 1 7  ? -7.751  5.309   3.707   1.00 30.33 ? 17  DT  B "O3'" 1 
ATOM   336 C "C2'" . DT  B 1 7  ? -6.942  3.558   2.170   1.00 22.68 ? 17  DT  B "C2'" 1 
ATOM   337 C "C1'" . DT  B 1 7  ? -5.562  2.996   2.440   1.00 22.38 ? 17  DT  B "C1'" 1 
ATOM   338 N N1    . DT  B 1 7  ? -5.031  1.853   1.838   1.00 22.34 ? 17  DT  B N1    1 
ATOM   339 C C2    . DT  B 1 7  ? -3.850  2.095   1.156   1.00 20.18 ? 17  DT  B C2    1 
ATOM   340 O O2    . DT  B 1 7  ? -3.381  3.223   1.120   1.00 29.25 ? 17  DT  B O2    1 
ATOM   341 N N3    . DT  B 1 7  ? -3.316  0.990   0.570   1.00 16.87 ? 17  DT  B N3    1 
ATOM   342 C C4    . DT  B 1 7  ? -3.767  -0.301  0.552   1.00 19.33 ? 17  DT  B C4    1 
ATOM   343 O O4    . DT  B 1 7  ? -3.187  -1.213  -0.045  1.00 19.01 ? 17  DT  B O4    1 
ATOM   344 C C5    . DT  B 1 7  ? -5.010  -0.479  1.275   1.00 21.04 ? 17  DT  B C5    1 
ATOM   345 C C7    . DT  B 1 7  ? -5.613  -1.866  1.317   1.00 20.45 ? 17  DT  B C7    1 
ATOM   346 C C6    . DT  B 1 7  ? -5.559  0.583   1.876   1.00 21.63 ? 17  DT  B C6    1 
ATOM   347 P P     . DT  B 1 8  ? -8.595  6.206   2.659   1.00 32.34 ? 18  DT  B P     1 
ATOM   348 O OP1   . DT  B 1 8  ? -9.140  7.386   3.386   1.00 28.53 ? 18  DT  B OP1   1 
ATOM   349 O OP2   . DT  B 1 8  ? -9.645  5.252   2.211   1.00 26.23 ? 18  DT  B OP2   1 
ATOM   350 O "O5'" . DT  B 1 8  ? -7.511  6.611   1.586   1.00 32.29 ? 18  DT  B "O5'" 1 
ATOM   351 C "C5'" . DT  B 1 8  ? -6.466  7.546   1.932   1.00 29.59 ? 18  DT  B "C5'" 1 
ATOM   352 C "C4'" . DT  B 1 8  ? -5.592  7.630   0.703   1.00 28.61 ? 18  DT  B "C4'" 1 
ATOM   353 O "O4'" . DT  B 1 8  ? -5.260  6.352   0.214   1.00 28.34 ? 18  DT  B "O4'" 1 
ATOM   354 C "C3'" . DT  B 1 8  ? -6.226  8.389   -0.466  1.00 29.72 ? 18  DT  B "C3'" 1 
ATOM   355 O "O3'" . DT  B 1 8  ? -5.290  9.328   -0.992  1.00 32.67 ? 18  DT  B "O3'" 1 
ATOM   356 C "C2'" . DT  B 1 8  ? -6.593  7.266   -1.415  1.00 27.10 ? 18  DT  B "C2'" 1 
ATOM   357 C "C1'" . DT  B 1 8  ? -5.376  6.341   -1.232  1.00 24.44 ? 18  DT  B "C1'" 1 
ATOM   358 N N1    . DT  B 1 8  ? -5.396  4.972   -1.462  1.00 22.78 ? 18  DT  B N1    1 
ATOM   359 C C2    . DT  B 1 8  ? -4.320  4.447   -2.145  1.00 23.75 ? 18  DT  B C2    1 
ATOM   360 O O2    . DT  B 1 8  ? -3.358  5.093   -2.522  1.00 27.80 ? 18  DT  B O2    1 
ATOM   361 N N3    . DT  B 1 8  ? -4.362  3.094   -2.414  1.00 21.78 ? 18  DT  B N3    1 
ATOM   362 C C4    . DT  B 1 8  ? -5.395  2.233   -2.049  1.00 21.20 ? 18  DT  B C4    1 
ATOM   363 O O4    . DT  B 1 8  ? -5.290  1.044   -2.338  1.00 21.81 ? 18  DT  B O4    1 
ATOM   364 C C5    . DT  B 1 8  ? -6.472  2.836   -1.322  1.00 22.81 ? 18  DT  B C5    1 
ATOM   365 C C7    . DT  B 1 8  ? -7.661  1.993   -0.882  1.00 22.06 ? 18  DT  B C7    1 
ATOM   366 C C6    . DT  B 1 8  ? -6.464  4.161   -1.080  1.00 25.11 ? 18  DT  B C6    1 
ATOM   367 P P     . DG  B 1 9  ? -5.651  10.330  -2.197  1.00 32.07 ? 19  DG  B P     1 
ATOM   368 O OP1   . DG  B 1 9  ? -5.515  11.742  -1.712  1.00 38.34 ? 19  DG  B OP1   1 
ATOM   369 O OP2   . DG  B 1 9  ? -7.070  9.959   -2.479  1.00 36.01 ? 19  DG  B OP2   1 
ATOM   370 O "O5'" . DG  B 1 9  ? -4.649  9.976   -3.343  1.00 28.96 ? 19  DG  B "O5'" 1 
ATOM   371 C "C5'" . DG  B 1 9  ? -3.313  9.504   -3.183  1.00 29.22 ? 19  DG  B "C5'" 1 
ATOM   372 C "C4'" . DG  B 1 9  ? -2.683  9.303   -4.531  1.00 26.28 ? 19  DG  B "C4'" 1 
ATOM   373 O "O4'" . DG  B 1 9  ? -2.862  7.991   -4.970  1.00 25.54 ? 19  DG  B "O4'" 1 
ATOM   374 C "C3'" . DG  B 1 9  ? -3.176  10.186  -5.681  1.00 26.87 ? 19  DG  B "C3'" 1 
ATOM   375 O "O3'" . DG  B 1 9  ? -2.083  10.548  -6.534  1.00 28.68 ? 19  DG  B "O3'" 1 
ATOM   376 C "C2'" . DG  B 1 9  ? -4.214  9.322   -6.370  1.00 23.68 ? 19  DG  B "C2'" 1 
ATOM   377 C "C1'" . DG  B 1 9  ? -3.718  7.914   -6.170  1.00 22.94 ? 19  DG  B "C1'" 1 
ATOM   378 N N9    . DG  B 1 9  ? -4.631  6.862   -5.776  1.00 15.36 ? 19  DG  B N9    1 
ATOM   379 C C8    . DG  B 1 9  ? -5.640  6.947   -4.873  1.00 14.99 ? 19  DG  B C8    1 
ATOM   380 N N7    . DG  B 1 9  ? -6.254  5.816   -4.667  1.00 16.48 ? 19  DG  B N7    1 
ATOM   381 C C5    . DG  B 1 9  ? -5.593  4.910   -5.485  1.00 15.29 ? 19  DG  B C5    1 
ATOM   382 C C6    . DG  B 1 9  ? -5.743  3.517   -5.630  1.00 16.22 ? 19  DG  B C6    1 
ATOM   383 O O6    . DG  B 1 9  ? -6.562  2.732   -5.129  1.00 18.72 ? 19  DG  B O6    1 
ATOM   384 N N1    . DG  B 1 9  ? -4.782  3.004   -6.498  1.00 14.83 ? 19  DG  B N1    1 
ATOM   385 C C2    . DG  B 1 9  ? -3.786  3.722   -7.109  1.00 16.01 ? 19  DG  B C2    1 
ATOM   386 N N2    . DG  B 1 9  ? -2.963  3.048   -7.929  1.00 23.11 ? 19  DG  B N2    1 
ATOM   387 N N3    . DG  B 1 9  ? -3.598  5.003   -6.933  1.00 14.50 ? 19  DG  B N3    1 
ATOM   388 C C4    . DG  B 1 9  ? -4.538  5.536   -6.123  1.00 14.53 ? 19  DG  B C4    1 
ATOM   389 P P     . DG  B 1 10 ? -2.307  11.523  -7.801  1.00 30.56 ? 20  DG  B P     1 
ATOM   390 O OP1   . DG  B 1 10 ? -1.098  12.349  -8.034  1.00 37.70 ? 20  DG  B OP1   1 
ATOM   391 O OP2   . DG  B 1 10 ? -3.522  12.272  -7.441  1.00 30.87 ? 20  DG  B OP2   1 
ATOM   392 O "O5'" . DG  B 1 10 ? -2.515  10.484  -9.017  1.00 27.20 ? 20  DG  B "O5'" 1 
ATOM   393 C "C5'" . DG  B 1 10 ? -1.400  9.617   -9.378  1.00 23.98 ? 20  DG  B "C5'" 1 
ATOM   394 C "C4'" . DG  B 1 10 ? -1.949  8.645   -10.404 1.00 22.72 ? 20  DG  B "C4'" 1 
ATOM   395 O "O4'" . DG  B 1 10 ? -2.865  7.735   -9.778  1.00 20.36 ? 20  DG  B "O4'" 1 
ATOM   396 C "C3'" . DG  B 1 10 ? -2.686  9.295   -11.564 1.00 21.17 ? 20  DG  B "C3'" 1 
ATOM   397 O "O3'" . DG  B 1 10 ? -2.159  8.931   -12.852 1.00 19.41 ? 20  DG  B "O3'" 1 
ATOM   398 C "C2'" . DG  B 1 10 ? -4.130  8.805   -11.390 1.00 22.22 ? 20  DG  B "C2'" 1 
ATOM   399 C "C1'" . DG  B 1 10 ? -3.901  7.434   -10.745 1.00 20.75 ? 20  DG  B "C1'" 1 
ATOM   400 N N9    . DG  B 1 10 ? -4.987  6.853   -9.993  1.00 17.18 ? 20  DG  B N9    1 
ATOM   401 C C8    . DG  B 1 10 ? -5.875  7.501   -9.187  1.00 13.08 ? 20  DG  B C8    1 
ATOM   402 N N7    . DG  B 1 10 ? -6.729  6.689   -8.626  1.00 16.95 ? 20  DG  B N7    1 
ATOM   403 C C5    . DG  B 1 10 ? -6.380  5.418   -9.111  1.00 15.48 ? 20  DG  B C5    1 
ATOM   404 C C6    . DG  B 1 10 ? -6.960  4.143   -8.874  1.00 14.29 ? 20  DG  B C6    1 
ATOM   405 O O6    . DG  B 1 10 ? -7.914  3.852   -8.144  1.00 16.93 ? 20  DG  B O6    1 
ATOM   406 N N1    . DG  B 1 10 ? -6.300  3.112   -9.552  1.00 16.47 ? 20  DG  B N1    1 
ATOM   407 C C2    . DG  B 1 10 ? -5.215  3.292   -10.381 1.00 19.34 ? 20  DG  B C2    1 
ATOM   408 N N2    . DG  B 1 10 ? -4.738  2.168   -10.975 1.00 13.95 ? 20  DG  B N2    1 
ATOM   409 N N3    . DG  B 1 10 ? -4.655  4.493   -10.583 1.00 19.32 ? 20  DG  B N3    1 
ATOM   410 C C4    . DG  B 1 10 ? -5.289  5.505   -9.940  1.00 16.36 ? 20  DG  B C4    1 
HETATM 411 N N1    . DAP C 2 .  ? -2.875  4.010   5.399   1.00 15.41 ? 21  DAP A N1    1 
HETATM 412 C C2    . DAP C 2 .  ? -3.567  4.145   6.576   1.00 18.15 ? 21  DAP A C2    1 
HETATM 413 C C3    . DAP C 2 .  ? -4.104  5.424   6.647   1.00 18.93 ? 21  DAP A C3    1 
HETATM 414 C C4    . DAP C 2 .  ? -4.025  7.341   4.844   1.00 18.89 ? 21  DAP A C4    1 
HETATM 415 C C5    . DAP C 2 .  ? -3.542  7.597   3.578   1.00 20.23 ? 21  DAP A C5    1 
HETATM 416 C C6    . DAP C 2 .  ? -2.777  6.668   2.865   1.00 23.56 ? 21  DAP A C6    1 
HETATM 417 C C7    . DAP C 2 .  ? -2.456  5.414   3.390   1.00 20.61 ? 21  DAP A C7    1 
HETATM 418 C C8    . DAP C 2 .  ? -2.999  5.173   4.666   1.00 16.80 ? 21  DAP A C8    1 
HETATM 419 C C9    . DAP C 2 .  ? -3.766  6.077   5.401   1.00 18.34 ? 21  DAP A C9    1 
HETATM 420 C C10   . DAP C 2 .  ? -2.274  6.995   1.520   1.00 26.57 ? 21  DAP A C10   1 
HETATM 421 N N2    . DAP C 2 .  ? -2.133  8.242   1.142   1.00 34.92 ? 21  DAP A N2    1 
HETATM 422 N N3    . DAP C 2 .  ? -1.941  6.024   0.706   1.00 22.25 ? 21  DAP A N3    1 
HETATM 423 C "C1'" . DAP C 2 .  ? -3.425  3.118   7.643   1.00 20.82 ? 21  DAP A "C1'" 1 
HETATM 424 C "C2'" . DAP C 2 .  ? -4.329  3.020   8.686   1.00 23.09 ? 21  DAP A "C2'" 1 
HETATM 425 C "C3'" . DAP C 2 .  ? -4.191  2.058   9.683   1.00 24.11 ? 21  DAP A "C3'" 1 
HETATM 426 C "C4'" . DAP C 2 .  ? -3.107  1.198   9.605   1.00 24.03 ? 21  DAP A "C4'" 1 
HETATM 427 C "C5'" . DAP C 2 .  ? -2.213  1.280   8.584   1.00 21.45 ? 21  DAP A "C5'" 1 
HETATM 428 C "C6'" . DAP C 2 .  ? -2.348  2.227   7.575   1.00 19.68 ? 21  DAP A "C6'" 1 
HETATM 429 C C11   . DAP C 2 .  ? -2.956  0.170   10.655  1.00 30.13 ? 21  DAP A C11   1 
HETATM 430 N N4    . DAP C 2 .  ? -1.803  -0.453  10.784  1.00 37.26 ? 21  DAP A N4    1 
HETATM 431 N N5    . DAP C 2 .  ? -3.978  -0.072  11.446  1.00 30.44 ? 21  DAP A N5    1 
HETATM 432 O O     . HOH D 3 .  ? -9.660  -12.016 -13.543 1.00 18.91 ? 22  HOH A O     1 
HETATM 433 O O     . HOH D 3 .  ? 1.796   5.111   14.971  1.00 40.68 ? 23  HOH A O     1 
HETATM 434 O O     . HOH D 3 .  ? 5.007   8.116   4.525   1.00 37.31 ? 24  HOH A O     1 
HETATM 435 O O     . HOH D 3 .  ? -1.224  -13.564 -19.967 1.00 29.05 ? 31  HOH A O     1 
HETATM 436 O O     . HOH D 3 .  ? -3.034  -7.111  -16.558 1.00 41.87 ? 34  HOH A O     1 
HETATM 437 O O     . HOH D 3 .  ? -3.940  -6.060  -6.149  1.00 43.91 ? 35  HOH A O     1 
HETATM 438 O O     . HOH D 3 .  ? -6.857  -7.921  -7.571  1.00 54.44 ? 36  HOH A O     1 
HETATM 439 O O     . HOH D 3 .  ? -9.544  -10.896 -10.979 1.00 36.41 ? 37  HOH A O     1 
HETATM 440 O O     . HOH D 3 .  ? -1.021  0.699   -10.117 1.00 40.05 ? 41  HOH A O     1 
HETATM 441 O O     . HOH D 3 .  ? -0.341  8.407   13.803  1.00 34.50 ? 44  HOH A O     1 
HETATM 442 O O     . HOH D 3 .  ? 6.825   1.120   3.560   1.00 25.78 ? 45  HOH A O     1 
HETATM 443 O O     . HOH D 3 .  ? -8.399  -12.810 -9.390  1.00 21.23 ? 50  HOH A O     1 
HETATM 444 O O     . HOH D 3 .  ? -1.737  -10.256 -16.732 1.00 25.91 ? 51  HOH A O     1 
HETATM 445 O O     . HOH D 3 .  ? 4.094   -1.404  -0.093  1.00 43.96 ? 52  HOH A O     1 
HETATM 446 O O     . HOH D 3 .  ? -0.696  5.964   -2.446  1.00 39.20 ? 53  HOH A O     1 
HETATM 447 O O     . HOH D 3 .  ? -4.174  -10.264 -11.431 1.00 28.54 ? 54  HOH A O     1 
HETATM 448 O O     . HOH D 3 .  ? -6.650  0.254   10.688  1.00 31.75 ? 56  HOH A O     1 
HETATM 449 O O     . HOH D 3 .  ? -6.113  -11.444 -9.244  1.00 37.87 ? 60  HOH A O     1 
HETATM 450 O O     . HOH D 3 .  ? -9.420  -13.145 -7.243  1.00 38.24 ? 62  HOH A O     1 
HETATM 451 O O     . HOH D 3 .  ? -7.525  -4.082  -13.707 1.00 35.88 ? 65  HOH A O     1 
HETATM 452 O O     . HOH D 3 .  ? 7.696   2.455   -2.510  1.00 38.22 ? 66  HOH A O     1 
HETATM 453 O O     . HOH D 3 .  ? 5.724   1.004   -3.883  1.00 39.28 ? 67  HOH A O     1 
HETATM 454 O O     . HOH D 3 .  ? -5.324  6.500   10.833  1.00 43.58 ? 68  HOH A O     1 
HETATM 455 O O     . HOH D 3 .  ? 0.434   4.952   -7.394  1.00 55.46 ? 71  HOH A O     1 
HETATM 456 O O     . HOH D 3 .  ? -13.334 -8.951  -13.118 1.00 44.03 ? 73  HOH A O     1 
HETATM 457 O O     . HOH D 3 .  ? 0.500   -2.930  11.831  1.00 35.71 ? 76  HOH A O     1 
HETATM 458 O O     . HOH D 3 .  ? -4.422  8.565   9.466   1.00 42.29 ? 82  HOH A O     1 
HETATM 459 O O     . HOH D 3 .  ? 9.061   5.556   -4.495  1.00 47.77 ? 89  HOH A O     1 
HETATM 460 O O     . HOH D 3 .  ? -1.792  -15.666 -20.697 1.00 36.56 ? 91  HOH A O     1 
HETATM 461 O O     . HOH D 3 .  ? -11.074 -5.040  -14.054 1.00 43.77 ? 93  HOH A O     1 
HETATM 462 O O     . HOH D 3 .  ? -1.837  10.861  1.552   1.00 48.64 ? 94  HOH A O     1 
HETATM 463 O O     . HOH D 3 .  ? -8.284  -4.325  -20.666 1.00 53.14 ? 98  HOH A O     1 
HETATM 464 O O     . HOH D 3 .  ? 6.848   3.112   -11.057 1.00 45.96 ? 100 HOH A O     1 
HETATM 465 O O     . HOH E 3 .  ? 4.608   -6.689  10.833  1.00 25.03 ? 25  HOH B O     1 
HETATM 466 O O     . HOH E 3 .  ? 12.663  6.396   10.777  1.00 32.70 ? 26  HOH B O     1 
HETATM 467 O O     . HOH E 3 .  ? 8.553   1.071   5.886   1.00 19.28 ? 27  HOH B O     1 
HETATM 468 O O     . HOH E 3 .  ? 10.238  5.036   9.773   1.00 20.55 ? 28  HOH B O     1 
HETATM 469 O O     . HOH E 3 .  ? 4.486   -7.576  3.343   1.00 43.35 ? 29  HOH B O     1 
HETATM 470 O O     . HOH E 3 .  ? -6.906  -1.103  -2.170  1.00 21.97 ? 30  HOH B O     1 
HETATM 471 O O     . HOH E 3 .  ? 11.670  3.946   7.371   1.00 18.74 ? 32  HOH B O     1 
HETATM 472 O O     . HOH E 3 .  ? 7.059   -1.255  3.706   1.00 32.15 ? 33  HOH B O     1 
HETATM 473 O O     . HOH E 3 .  ? 9.091   -11.587 4.292   1.00 23.46 ? 38  HOH B O     1 
HETATM 474 O O     . HOH E 3 .  ? 2.332   -11.904 4.823   1.00 27.08 ? 39  HOH B O     1 
HETATM 475 O O     . HOH E 3 .  ? -5.735  -3.955  -2.323  1.00 40.52 ? 40  HOH B O     1 
HETATM 476 O O     . HOH E 3 .  ? -1.984  -2.133  8.334   1.00 17.18 ? 42  HOH B O     1 
HETATM 477 O O     . HOH E 3 .  ? -2.207  -4.091  10.321  1.00 24.37 ? 43  HOH B O     1 
HETATM 478 O O     . HOH E 3 .  ? 0.000   -4.990  10.226  1.00 23.15 ? 46  HOH B O     1 
HETATM 479 O O     . HOH E 3 .  ? -1.759  -12.082 4.372   1.00 58.94 ? 47  HOH B O     1 
HETATM 480 O O     . HOH E 3 .  ? 10.818  -4.416  10.069  1.00 26.11 ? 48  HOH B O     1 
HETATM 481 O O     . HOH E 3 .  ? -10.259 5.476   -0.092  1.00 41.83 ? 49  HOH B O     1 
HETATM 482 O O     . HOH E 3 .  ? -3.321  12.166  0.382   1.00 34.43 ? 55  HOH B O     1 
HETATM 483 O O     . HOH E 3 .  ? 13.400  0.798   4.588   1.00 40.32 ? 57  HOH B O     1 
HETATM 484 O O     . HOH E 3 .  ? 1.823   12.790  -9.812  1.00 48.90 ? 58  HOH B O     1 
HETATM 485 O O     . HOH E 3 .  ? -8.710  0.176   2.143   1.00 36.64 ? 59  HOH B O     1 
HETATM 486 O O     . HOH E 3 .  ? -8.717  8.296   -2.918  1.00 38.06 ? 61  HOH B O     1 
HETATM 487 O O     . HOH E 3 .  ? -5.321  11.539  -8.669  1.00 33.86 ? 63  HOH B O     1 
HETATM 488 O O     . HOH E 3 .  ? -3.311  -3.799  -2.410  1.00 36.85 ? 64  HOH B O     1 
HETATM 489 O O     . HOH E 3 .  ? -10.596 10.459  -0.023  1.00 43.52 ? 69  HOH B O     1 
HETATM 490 O O     . HOH E 3 .  ? 15.980  5.644   12.551  1.00 49.36 ? 70  HOH B O     1 
HETATM 491 O O     . HOH E 3 .  ? 7.375   -11.549 8.323   1.00 44.45 ? 72  HOH B O     1 
HETATM 492 O O     . HOH E 3 .  ? 17.635  1.049   3.395   1.00 43.97 ? 74  HOH B O     1 
HETATM 493 O O     . HOH E 3 .  ? 11.281  0.464   2.479   1.00 45.97 ? 75  HOH B O     1 
HETATM 494 O O     . HOH E 3 .  ? -10.648 2.390   2.041   1.00 44.64 ? 77  HOH B O     1 
HETATM 495 O O     . HOH E 3 .  ? 10.228  -10.301 2.411   1.00 50.28 ? 78  HOH B O     1 
HETATM 496 O O     . HOH E 3 .  ? 0.520   7.200   -4.595  1.00 44.35 ? 79  HOH B O     1 
HETATM 497 O O     . HOH E 3 .  ? -1.831  3.874   -12.035 1.00 35.20 ? 80  HOH B O     1 
HETATM 498 O O     . HOH E 3 .  ? 14.159  8.131   10.429  1.00 41.35 ? 81  HOH B O     1 
HETATM 499 O O     . HOH E 3 .  ? -6.131  12.357  0.974   1.00 37.22 ? 83  HOH B O     1 
HETATM 500 O O     . HOH E 3 .  ? 6.926   -5.377  12.361  1.00 45.24 ? 84  HOH B O     1 
HETATM 501 O O     . HOH E 3 .  ? -9.689  8.053   -0.004  1.00 42.28 ? 85  HOH B O     1 
HETATM 502 O O     . HOH E 3 .  ? -2.530  -10.366 2.676   1.00 47.28 ? 86  HOH B O     1 
HETATM 503 O O     . HOH E 3 .  ? -0.902  -3.963  -1.517  1.00 51.48 ? 87  HOH B O     1 
HETATM 504 O O     . HOH E 3 .  ? 14.521  -7.215  7.339   1.00 50.85 ? 88  HOH B O     1 
HETATM 505 O O     . HOH E 3 .  ? -1.091  12.579  -2.129  1.00 47.93 ? 90  HOH B O     1 
HETATM 506 O O     . HOH E 3 .  ? 0.890   -5.689  -2.541  1.00 50.74 ? 92  HOH B O     1 
HETATM 507 O O     . HOH E 3 .  ? 17.500  -4.731  2.882   1.00 53.57 ? 95  HOH B O     1 
HETATM 508 O O     . HOH E 3 .  ? 18.112  5.131   9.616   1.00 51.06 ? 96  HOH B O     1 
HETATM 509 O O     . HOH E 3 .  ? 0.041   11.840  -4.800  1.00 51.65 ? 97  HOH B O     1 
HETATM 510 O O     . HOH E 3 .  ? 0.972   11.674  -6.941  1.00 45.40 ? 99  HOH B O     1 
HETATM 511 O O     . HOH E 3 .  ? -4.974  14.372  -9.808  1.00 53.99 ? 101 HOH B O     1 
HETATM 512 O O     . HOH E 3 .  ? -4.143  14.245  -2.788  1.00 51.20 ? 102 HOH B O     1 
# 
